data_3OBE
#
_entry.id   3OBE
#
_cell.length_a   45.745
_cell.length_b   48.690
_cell.length_c   79.880
_cell.angle_alpha   77.800
_cell.angle_beta   74.670
_cell.angle_gamma   68.900
#
_symmetry.space_group_name_H-M   'P 1'
#
loop_
_entity.id
_entity.type
_entity.pdbx_description
1 polymer 'Sugar phosphate isomerase/epimerase'
2 non-polymer 'PHOSPHATE ION'
3 non-polymer ETHANOL
4 water water
#
_entity_poly.entity_id   1
_entity_poly.type   'polypeptide(L)'
_entity_poly.pdbx_seq_one_letter_code
;GSNPTRSIPATDAVSSATAGKK(MSE)GLQTYSLGQELLQD(MSE)PNGLNRLAKAGYTDLEIFGYREDTGKFGDYNPKN
TTFIASKDYKK(MSE)VDDAGLRISSSHLTPSLREYTKEN(MSE)PKFDEFWKKATDIHAELGVSC(MSE)VQPSLPRIE
NEDDAKVVSEIFNRAGEITKKAGILWGYHNHSNEFKRVLKAGEKPEQNPNPWAPPKGTYIEELFLKNTDPDKV(MSE)FE
LDVYWAV(MSE)GQQDPVEW(MSE)ENYPNRFKLLHIKDRWIIGDSG(MSE)(MSE)NFPNIFKKAYEIGILGYYVELEG
DKKGRTQFEGVEKSAAYLQAAPFVK
;
_entity_poly.pdbx_strand_id   A,B
#
loop_
_chem_comp.id
_chem_comp.type
_chem_comp.name
_chem_comp.formula
EOH non-polymer ETHANOL 'C2 H6 O'
PO4 non-polymer 'PHOSPHATE ION' 'O4 P -3'
#
# COMPACT_ATOMS: atom_id res chain seq x y z
N ILE A 8 9.17 24.18 26.15
CA ILE A 8 8.43 23.10 25.45
C ILE A 8 9.39 22.06 24.86
N PRO A 9 9.85 21.09 25.70
CA PRO A 9 10.83 20.03 25.36
C PRO A 9 10.58 19.25 24.07
N ALA A 10 11.65 19.00 23.30
CA ALA A 10 11.58 18.05 22.20
C ALA A 10 11.57 16.66 22.83
N THR A 11 10.81 15.76 22.22
CA THR A 11 10.64 14.43 22.80
C THR A 11 11.77 13.46 22.36
N ASP A 12 12.43 13.75 21.22
CA ASP A 12 13.57 12.92 20.71
C ASP A 12 14.99 13.38 21.13
N ALA A 13 15.09 14.46 21.91
CA ALA A 13 16.38 14.91 22.45
C ALA A 13 16.17 15.61 23.79
N VAL A 14 17.10 15.36 24.73
CA VAL A 14 17.00 15.92 26.08
C VAL A 14 17.42 17.40 26.15
N SER A 15 18.22 17.86 25.17
CA SER A 15 18.78 19.24 25.22
C SER A 15 17.71 20.33 25.29
N SER A 16 17.95 21.34 26.14
CA SER A 16 16.99 22.43 26.25
CA SER A 16 17.05 22.49 26.29
C SER A 16 17.05 23.43 25.07
N ALA A 17 17.98 23.19 24.14
CA ALA A 17 18.06 23.96 22.92
C ALA A 17 17.44 23.33 21.72
N THR A 18 16.92 22.10 21.82
CA THR A 18 16.41 21.40 20.67
C THR A 18 14.97 21.76 20.43
N ALA A 19 14.69 22.38 19.28
CA ALA A 19 13.32 22.67 18.82
C ALA A 19 12.55 21.41 18.60
N GLY A 20 11.26 21.44 18.93
CA GLY A 20 10.40 20.33 18.52
C GLY A 20 10.39 20.24 17.02
N LYS A 21 10.23 19.03 16.50
CA LYS A 21 9.98 18.84 15.08
C LYS A 21 8.64 19.45 14.72
N LYS A 22 8.58 20.07 13.55
CA LYS A 22 7.33 20.67 13.10
C LYS A 22 6.46 19.55 12.55
N MSE A 23 5.25 19.49 13.04
CA MSE A 23 4.39 18.36 12.76
C MSE A 23 2.93 18.79 12.83
O MSE A 23 2.48 19.35 13.83
CB MSE A 23 4.66 17.24 13.78
CG MSE A 23 3.73 16.11 13.68
SE MSE A 23 4.38 14.78 15.01
CE MSE A 23 3.75 15.53 16.47
N GLY A 24 2.18 18.53 11.76
CA GLY A 24 0.79 18.89 11.74
C GLY A 24 -0.20 17.76 11.93
N LEU A 25 -1.41 18.16 12.26
CA LEU A 25 -2.54 17.23 12.43
C LEU A 25 -3.76 17.82 11.77
N GLN A 26 -4.46 17.01 10.98
CA GLN A 26 -5.81 17.34 10.53
C GLN A 26 -6.79 17.01 11.64
N THR A 27 -7.44 18.03 12.20
CA THR A 27 -8.19 17.84 13.40
C THR A 27 -9.51 17.04 13.26
N TYR A 28 -9.94 16.85 12.02
CA TYR A 28 -11.03 15.95 11.75
C TYR A 28 -10.73 14.54 12.30
N SER A 29 -9.44 14.21 12.44
CA SER A 29 -9.02 12.94 13.05
C SER A 29 -9.58 12.68 14.43
N LEU A 30 -9.87 13.74 15.20
CA LEU A 30 -10.19 13.58 16.60
C LEU A 30 -11.70 13.63 16.81
N GLY A 31 -12.40 14.09 15.76
CA GLY A 31 -13.81 14.52 15.83
C GLY A 31 -14.21 15.16 17.12
N GLN A 32 -15.14 14.50 17.79
CA GLN A 32 -15.76 15.04 18.97
C GLN A 32 -14.82 14.99 20.17
N GLU A 33 -13.75 14.17 20.10
CA GLU A 33 -12.88 14.06 21.27
C GLU A 33 -12.18 15.38 21.56
N LEU A 34 -11.89 16.15 20.52
CA LEU A 34 -11.26 17.46 20.66
C LEU A 34 -12.32 18.53 20.97
N LEU A 35 -13.39 18.53 20.18
CA LEU A 35 -14.43 19.56 20.26
C LEU A 35 -15.07 19.65 21.63
N GLN A 36 -15.19 18.53 22.32
CA GLN A 36 -15.83 18.48 23.64
C GLN A 36 -14.98 19.06 24.76
N ASP A 37 -13.68 19.22 24.56
CA ASP A 37 -12.80 19.85 25.59
C ASP A 37 -11.57 20.42 24.92
N MSE A 38 -11.75 21.57 24.26
CA MSE A 38 -10.71 22.04 23.33
C MSE A 38 -9.44 22.55 24.00
O MSE A 38 -8.36 22.18 23.59
CB MSE A 38 -11.27 23.00 22.29
CG MSE A 38 -10.66 22.70 20.90
SE MSE A 38 -11.49 23.71 19.51
CE MSE A 38 -13.33 23.78 20.21
N PRO A 39 -9.57 23.36 25.08
CA PRO A 39 -8.34 23.76 25.78
C PRO A 39 -7.49 22.59 26.22
N ASN A 40 -8.11 21.62 26.86
CA ASN A 40 -7.33 20.49 27.34
C ASN A 40 -6.85 19.62 26.19
N GLY A 41 -7.68 19.47 25.18
CA GLY A 41 -7.33 18.64 24.01
C GLY A 41 -6.14 19.25 23.27
N LEU A 42 -6.20 20.55 23.08
CA LEU A 42 -5.09 21.28 22.44
C LEU A 42 -3.80 21.17 23.22
N ASN A 43 -3.89 21.21 24.54
N ASN A 43 -3.87 21.23 24.54
CA ASN A 43 -2.71 21.02 25.36
CA ASN A 43 -2.67 21.05 25.35
C ASN A 43 -2.13 19.63 25.18
C ASN A 43 -2.11 19.62 25.20
N ARG A 44 -3.00 18.64 25.13
CA ARG A 44 -2.58 17.27 24.85
C ARG A 44 -1.82 17.14 23.51
N LEU A 45 -2.36 17.76 22.49
CA LEU A 45 -1.71 17.74 21.18
C LEU A 45 -0.32 18.40 21.25
N ALA A 46 -0.26 19.55 21.92
CA ALA A 46 1.03 20.25 22.12
C ALA A 46 2.01 19.37 22.87
N LYS A 47 1.55 18.71 23.93
CA LYS A 47 2.41 17.81 24.71
C LYS A 47 2.96 16.64 23.87
N ALA A 48 2.16 16.16 22.93
CA ALA A 48 2.61 15.07 22.03
C ALA A 48 3.58 15.50 20.95
N GLY A 49 3.72 16.81 20.75
CA GLY A 49 4.65 17.33 19.78
C GLY A 49 4.07 17.97 18.55
N TYR A 50 2.73 17.97 18.42
CA TYR A 50 2.12 18.68 17.32
C TYR A 50 2.37 20.17 17.44
N THR A 51 2.69 20.80 16.31
CA THR A 51 2.95 22.24 16.22
C THR A 51 1.88 22.97 15.36
N ASP A 52 1.24 22.25 14.44
CA ASP A 52 0.43 22.82 13.43
C ASP A 52 -0.89 22.05 13.30
N LEU A 53 -1.96 22.77 13.02
CA LEU A 53 -3.26 22.18 12.74
C LEU A 53 -3.74 22.52 11.36
N GLU A 54 -4.40 21.53 10.75
CA GLU A 54 -5.20 21.76 9.56
C GLU A 54 -6.64 21.48 9.95
N ILE A 55 -7.48 22.50 9.84
CA ILE A 55 -8.85 22.39 10.35
C ILE A 55 -9.84 22.04 9.22
N PHE A 56 -11.12 22.12 9.54
CA PHE A 56 -12.19 21.76 8.67
C PHE A 56 -13.43 22.53 9.15
N GLY A 57 -14.51 22.46 8.39
CA GLY A 57 -15.81 22.87 8.92
C GLY A 57 -16.27 24.26 8.50
N TYR A 58 -15.51 24.92 7.65
CA TYR A 58 -15.87 26.25 7.18
C TYR A 58 -17.27 26.25 6.62
N ARG A 59 -18.08 27.23 6.98
CA ARG A 59 -19.45 27.31 6.43
C ARG A 59 -19.54 28.58 5.61
N GLU A 60 -19.87 28.47 4.33
CA GLU A 60 -19.83 29.63 3.45
C GLU A 60 -20.97 30.62 3.72
N ASP A 61 -22.05 30.21 4.35
CA ASP A 61 -23.17 31.18 4.58
C ASP A 61 -22.81 32.12 5.71
N THR A 62 -22.24 31.58 6.80
CA THR A 62 -21.91 32.36 7.99
C THR A 62 -20.46 32.76 8.10
N GLY A 63 -19.58 32.09 7.36
CA GLY A 63 -18.16 32.34 7.52
C GLY A 63 -17.53 31.81 8.80
N LYS A 64 -18.25 30.97 9.53
CA LYS A 64 -17.74 30.39 10.78
C LYS A 64 -17.39 28.93 10.56
N PHE A 65 -16.83 28.29 11.58
CA PHE A 65 -16.37 26.92 11.51
C PHE A 65 -17.15 26.12 12.53
N GLY A 66 -17.63 24.96 12.14
CA GLY A 66 -18.30 24.09 13.08
C GLY A 66 -18.13 22.66 12.65
N ASP A 67 -18.48 21.72 13.53
CA ASP A 67 -18.46 20.31 13.15
C ASP A 67 -19.68 20.01 12.28
N TYR A 68 -19.90 18.73 12.02
CA TYR A 68 -21.12 18.29 11.36
C TYR A 68 -22.05 17.58 12.34
N THR A 73 -24.37 22.60 17.04
CA THR A 73 -25.20 23.81 17.12
C THR A 73 -24.37 25.09 17.06
N THR A 74 -23.24 25.09 17.76
CA THR A 74 -22.38 26.27 17.91
C THR A 74 -21.25 26.30 16.87
N PHE A 75 -20.88 27.52 16.51
CA PHE A 75 -19.89 27.77 15.49
C PHE A 75 -18.89 28.76 16.07
N ILE A 76 -17.63 28.67 15.63
CA ILE A 76 -16.60 29.57 16.14
C ILE A 76 -16.07 30.50 15.03
N ALA A 77 -15.93 31.77 15.37
CA ALA A 77 -15.31 32.78 14.52
C ALA A 77 -13.81 32.55 14.47
N SER A 78 -13.18 33.02 13.39
CA SER A 78 -11.74 32.94 13.18
C SER A 78 -10.92 33.47 14.34
N LYS A 79 -11.25 34.68 14.79
CA LYS A 79 -10.47 35.28 15.89
C LYS A 79 -10.47 34.38 17.15
N ASP A 80 -11.63 33.83 17.50
CA ASP A 80 -11.71 32.99 18.71
C ASP A 80 -11.00 31.67 18.47
N TYR A 81 -11.10 31.16 17.25
CA TYR A 81 -10.43 29.91 16.93
C TYR A 81 -8.92 30.12 17.07
N LYS A 82 -8.41 31.13 16.37
CA LYS A 82 -6.98 31.43 16.38
C LYS A 82 -6.48 31.62 17.82
N LYS A 83 -7.23 32.34 18.64
CA LYS A 83 -6.84 32.57 20.04
C LYS A 83 -6.64 31.28 20.85
N MSE A 84 -7.62 30.39 20.78
CA MSE A 84 -7.58 29.11 21.48
CA MSE A 84 -7.52 29.17 21.58
C MSE A 84 -6.33 28.31 21.10
O MSE A 84 -5.56 27.83 21.95
CB MSE A 84 -8.84 28.32 21.09
CB MSE A 84 -8.88 28.42 21.64
CG MSE A 84 -9.35 27.32 22.08
CG MSE A 84 -8.91 27.18 22.57
SE MSE A 84 -11.27 27.17 21.91
SE MSE A 84 -10.28 27.11 24.01
CE MSE A 84 -11.40 26.97 20.05
CE MSE A 84 -9.30 28.25 25.28
N VAL A 85 -6.12 28.16 19.80
CA VAL A 85 -4.97 27.37 19.30
C VAL A 85 -3.63 28.04 19.65
N ASP A 86 -3.52 29.35 19.40
CA ASP A 86 -2.31 30.10 19.73
C ASP A 86 -1.94 29.98 21.22
N ASP A 87 -2.94 30.08 22.09
CA ASP A 87 -2.72 29.98 23.54
C ASP A 87 -2.15 28.61 23.94
N ALA A 88 -2.53 27.57 23.20
CA ALA A 88 -2.03 26.22 23.43
C ALA A 88 -0.61 25.98 22.85
N GLY A 89 -0.02 26.97 22.19
CA GLY A 89 1.27 26.81 21.51
C GLY A 89 1.24 26.10 20.17
N LEU A 90 0.10 26.19 19.51
N LEU A 90 0.09 26.13 19.50
CA LEU A 90 -0.10 25.57 18.21
CA LEU A 90 -0.01 25.58 18.16
C LEU A 90 -0.36 26.70 17.21
C LEU A 90 -0.47 26.68 17.20
N ARG A 91 -0.44 26.36 15.92
CA ARG A 91 -0.82 27.30 14.92
C ARG A 91 -1.74 26.60 13.95
N ILE A 92 -2.85 27.26 13.61
CA ILE A 92 -3.71 26.82 12.48
C ILE A 92 -3.04 27.29 11.18
N SER A 93 -2.44 26.36 10.47
CA SER A 93 -1.70 26.63 9.26
C SER A 93 -2.35 26.23 7.98
N SER A 94 -3.37 25.37 8.05
CA SER A 94 -4.13 24.97 6.91
C SER A 94 -5.61 24.73 7.25
N SER A 95 -6.41 24.55 6.23
CA SER A 95 -7.83 24.37 6.38
C SER A 95 -8.35 23.64 5.16
N HIS A 96 -9.16 22.62 5.41
CA HIS A 96 -9.87 21.90 4.35
C HIS A 96 -11.27 22.49 4.16
N LEU A 97 -11.61 22.85 2.92
CA LEU A 97 -12.93 23.37 2.61
C LEU A 97 -13.29 23.06 1.17
N THR A 98 -14.59 22.87 0.97
CA THR A 98 -15.14 22.51 -0.33
C THR A 98 -16.37 23.39 -0.57
N PRO A 99 -16.49 24.03 -1.77
CA PRO A 99 -17.73 24.77 -2.04
C PRO A 99 -18.99 23.89 -1.95
N SER A 100 -20.08 24.47 -1.51
CA SER A 100 -21.37 23.80 -1.59
CA SER A 100 -21.40 23.82 -1.59
CA SER A 100 -21.38 23.82 -1.59
C SER A 100 -21.80 23.60 -3.04
N LEU A 101 -21.38 24.50 -3.93
CA LEU A 101 -21.75 24.41 -5.34
C LEU A 101 -21.06 23.22 -5.92
N ARG A 102 -21.85 22.27 -6.44
CA ARG A 102 -21.24 21.03 -6.99
C ARG A 102 -21.06 20.97 -8.51
N GLU A 103 -21.58 21.99 -9.20
N GLU A 103 -21.59 21.96 -9.21
CA GLU A 103 -21.59 22.02 -10.66
CA GLU A 103 -21.57 21.88 -10.67
C GLU A 103 -20.37 22.72 -11.21
C GLU A 103 -20.41 22.67 -11.22
N TYR A 104 -19.34 21.95 -11.56
CA TYR A 104 -18.11 22.52 -12.04
C TYR A 104 -18.15 22.80 -13.57
N THR A 105 -18.76 23.93 -13.90
CA THR A 105 -18.97 24.35 -15.29
C THR A 105 -18.35 25.70 -15.54
N LYS A 106 -18.03 25.97 -16.80
CA LYS A 106 -17.49 27.29 -17.18
C LYS A 106 -18.44 28.42 -16.74
N GLU A 107 -19.73 28.19 -16.89
CA GLU A 107 -20.73 29.19 -16.56
C GLU A 107 -20.72 29.59 -15.09
N ASN A 108 -20.36 28.61 -14.22
CA ASN A 108 -20.35 28.78 -12.78
C ASN A 108 -19.04 29.33 -12.24
N MSE A 109 -18.07 29.61 -13.10
CA MSE A 109 -16.75 30.03 -12.60
CA MSE A 109 -16.76 30.08 -12.59
C MSE A 109 -16.87 31.31 -11.72
O MSE A 109 -16.23 31.38 -10.68
CB MSE A 109 -15.72 30.14 -13.75
CB MSE A 109 -15.82 30.33 -13.75
CG MSE A 109 -15.46 28.78 -14.47
CG MSE A 109 -15.38 29.08 -14.36
SE MSE A 109 -13.82 28.59 -15.57
SE MSE A 109 -14.23 29.43 -15.82
CE MSE A 109 -14.36 29.67 -17.13
CE MSE A 109 -13.77 27.55 -16.10
N PRO A 110 -17.72 32.29 -12.10
CA PRO A 110 -17.87 33.44 -11.17
C PRO A 110 -18.43 33.07 -9.79
N LYS A 111 -19.35 32.10 -9.71
CA LYS A 111 -19.87 31.66 -8.42
C LYS A 111 -18.77 31.02 -7.53
N PHE A 112 -17.91 30.21 -8.14
CA PHE A 112 -16.82 29.61 -7.41
C PHE A 112 -15.86 30.70 -6.95
N ASP A 113 -15.64 31.72 -7.80
CA ASP A 113 -14.81 32.83 -7.38
C ASP A 113 -15.39 33.46 -6.13
N GLU A 114 -16.71 33.64 -6.07
CA GLU A 114 -17.32 34.30 -4.88
C GLU A 114 -17.09 33.50 -3.62
N PHE A 115 -17.21 32.17 -3.72
CA PHE A 115 -16.93 31.28 -2.61
C PHE A 115 -15.50 31.49 -2.15
N TRP A 116 -14.57 31.42 -3.08
CA TRP A 116 -13.15 31.48 -2.71
C TRP A 116 -12.73 32.85 -2.19
N LYS A 117 -13.32 33.91 -2.73
CA LYS A 117 -13.01 35.28 -2.26
C LYS A 117 -13.44 35.42 -0.79
N LYS A 118 -14.66 35.03 -0.48
CA LYS A 118 -15.13 35.18 0.88
C LYS A 118 -14.35 34.30 1.83
N ALA A 119 -14.10 33.05 1.39
CA ALA A 119 -13.35 32.13 2.22
C ALA A 119 -11.94 32.66 2.49
N THR A 120 -11.32 33.30 1.49
CA THR A 120 -9.96 33.83 1.67
C THR A 120 -9.96 34.95 2.72
N ASP A 121 -10.96 35.83 2.65
CA ASP A 121 -11.05 36.94 3.62
C ASP A 121 -11.09 36.36 5.06
N ILE A 122 -11.89 35.32 5.25
CA ILE A 122 -12.05 34.69 6.58
C ILE A 122 -10.78 33.99 6.99
N HIS A 123 -10.13 33.32 6.05
CA HIS A 123 -8.94 32.54 6.38
C HIS A 123 -7.73 33.44 6.56
N ALA A 124 -7.74 34.63 5.96
CA ALA A 124 -6.67 35.62 6.24
C ALA A 124 -6.76 36.04 7.71
N GLU A 125 -7.98 36.26 8.17
CA GLU A 125 -8.20 36.56 9.59
C GLU A 125 -7.68 35.43 10.48
N LEU A 126 -7.92 34.19 10.06
CA LEU A 126 -7.55 33.00 10.81
C LEU A 126 -6.02 32.83 10.84
N GLY A 127 -5.32 33.38 9.83
CA GLY A 127 -3.86 33.41 9.76
C GLY A 127 -3.25 32.15 9.18
N VAL A 128 -4.02 31.40 8.39
CA VAL A 128 -3.48 30.19 7.75
C VAL A 128 -2.49 30.51 6.65
N SER A 129 -1.63 29.55 6.36
CA SER A 129 -0.77 29.59 5.21
C SER A 129 -1.36 28.92 3.97
N CYS A 130 -2.22 27.94 4.16
CA CYS A 130 -2.76 27.15 3.09
C CYS A 130 -4.29 27.00 3.20
N MSE A 131 -4.93 26.91 2.05
CA MSE A 131 -6.38 26.54 1.98
C MSE A 131 -6.48 25.42 0.97
O MSE A 131 -5.98 25.57 -0.14
CB MSE A 131 -7.20 27.73 1.55
CG MSE A 131 -7.34 28.82 2.58
SE MSE A 131 -7.88 30.54 1.79
CE MSE A 131 -9.64 30.01 1.15
N VAL A 132 -7.12 24.32 1.33
CA VAL A 132 -7.04 23.10 0.54
C VAL A 132 -8.43 22.53 0.32
N GLN A 133 -8.76 22.22 -0.92
CA GLN A 133 -9.95 21.49 -1.27
C GLN A 133 -9.66 20.01 -1.29
N PRO A 134 -10.44 19.21 -0.51
CA PRO A 134 -10.13 17.76 -0.42
C PRO A 134 -11.20 16.90 -1.09
N SER A 135 -11.95 17.49 -1.99
CA SER A 135 -13.16 16.86 -2.54
C SER A 135 -13.09 16.89 -4.07
N LEU A 136 -13.15 15.69 -4.64
CA LEU A 136 -13.08 15.47 -6.10
C LEU A 136 -14.40 15.73 -6.77
N PRO A 137 -14.44 16.65 -7.74
CA PRO A 137 -15.66 16.79 -8.54
C PRO A 137 -15.93 15.59 -9.45
N ARG A 138 -17.12 15.57 -10.03
CA ARG A 138 -17.40 14.58 -11.03
C ARG A 138 -16.48 14.71 -12.23
N ILE A 139 -15.69 13.68 -12.49
CA ILE A 139 -14.79 13.68 -13.64
C ILE A 139 -15.00 12.45 -14.45
N GLU A 140 -15.61 12.61 -15.61
CA GLU A 140 -15.90 11.46 -16.45
C GLU A 140 -15.09 11.41 -17.72
N ASN A 141 -14.50 12.55 -18.07
CA ASN A 141 -13.60 12.62 -19.21
C ASN A 141 -12.60 13.75 -18.97
N GLU A 142 -11.64 13.88 -19.89
N GLU A 142 -11.66 13.90 -19.90
CA GLU A 142 -10.61 14.92 -19.80
CA GLU A 142 -10.62 14.88 -19.76
C GLU A 142 -11.18 16.32 -19.70
C GLU A 142 -11.11 16.33 -19.80
N ASP A 143 -12.21 16.62 -20.49
CA ASP A 143 -12.77 17.97 -20.52
C ASP A 143 -13.27 18.38 -19.13
N ASP A 144 -13.88 17.43 -18.39
CA ASP A 144 -14.34 17.72 -17.04
C ASP A 144 -13.17 18.09 -16.15
N ALA A 145 -12.06 17.35 -16.26
CA ALA A 145 -10.85 17.64 -15.53
C ALA A 145 -10.25 19.02 -15.87
N LYS A 146 -10.28 19.38 -17.15
CA LYS A 146 -9.80 20.70 -17.55
C LYS A 146 -10.63 21.86 -17.01
N VAL A 147 -11.94 21.74 -17.02
CA VAL A 147 -12.79 22.79 -16.48
C VAL A 147 -12.59 22.91 -14.97
N VAL A 148 -12.50 21.78 -14.29
CA VAL A 148 -12.19 21.77 -12.89
C VAL A 148 -10.85 22.44 -12.63
N SER A 149 -9.84 22.13 -13.44
CA SER A 149 -8.53 22.73 -13.26
C SER A 149 -8.59 24.27 -13.42
N GLU A 150 -9.40 24.75 -14.36
CA GLU A 150 -9.55 26.19 -14.58
C GLU A 150 -10.14 26.87 -13.37
N ILE A 151 -11.12 26.24 -12.74
CA ILE A 151 -11.75 26.72 -11.51
C ILE A 151 -10.74 26.71 -10.34
N PHE A 152 -9.95 25.66 -10.23
CA PHE A 152 -8.85 25.59 -9.23
C PHE A 152 -7.82 26.71 -9.42
N ASN A 153 -7.40 26.97 -10.67
CA ASN A 153 -6.54 28.11 -10.99
C ASN A 153 -7.10 29.43 -10.48
N ARG A 154 -8.37 29.66 -10.75
CA ARG A 154 -9.02 30.88 -10.33
C ARG A 154 -9.06 30.98 -8.83
N ALA A 155 -9.33 29.87 -8.16
CA ALA A 155 -9.31 29.86 -6.69
C ALA A 155 -7.93 30.23 -6.16
N GLY A 156 -6.89 29.64 -6.75
CA GLY A 156 -5.54 29.89 -6.29
C GLY A 156 -5.07 31.31 -6.53
N GLU A 157 -5.51 31.92 -7.61
N GLU A 157 -5.52 31.91 -7.61
CA GLU A 157 -5.14 33.29 -7.86
CA GLU A 157 -5.13 33.28 -7.91
C GLU A 157 -5.74 34.15 -6.76
C GLU A 157 -5.82 34.25 -6.92
N ILE A 158 -6.96 33.84 -6.39
CA ILE A 158 -7.68 34.58 -5.38
C ILE A 158 -7.01 34.45 -4.01
N THR A 159 -6.63 33.23 -3.61
CA THR A 159 -6.02 33.04 -2.32
C THR A 159 -4.65 33.73 -2.28
N LYS A 160 -3.93 33.69 -3.40
CA LYS A 160 -2.57 34.23 -3.45
C LYS A 160 -2.51 35.74 -3.20
N LYS A 161 -3.61 36.43 -3.48
CA LYS A 161 -3.77 37.84 -3.17
C LYS A 161 -3.60 38.15 -1.70
N ALA A 162 -3.97 37.20 -0.86
CA ALA A 162 -3.84 37.28 0.57
C ALA A 162 -2.58 36.59 1.06
N GLY A 163 -1.73 36.12 0.14
CA GLY A 163 -0.52 35.40 0.54
C GLY A 163 -0.75 33.99 1.06
N ILE A 164 -1.85 33.37 0.65
CA ILE A 164 -2.23 32.04 1.05
C ILE A 164 -2.15 31.11 -0.16
N LEU A 165 -1.63 29.91 0.07
CA LEU A 165 -1.45 28.90 -0.99
C LEU A 165 -2.71 28.06 -1.10
N TRP A 166 -3.28 28.02 -2.27
CA TRP A 166 -4.39 27.10 -2.55
C TRP A 166 -3.83 25.76 -2.95
N GLY A 167 -4.43 24.68 -2.43
CA GLY A 167 -4.04 23.33 -2.76
C GLY A 167 -5.20 22.36 -2.89
N TYR A 168 -4.89 21.18 -3.42
CA TYR A 168 -5.86 20.11 -3.68
C TYR A 168 -5.38 18.82 -3.04
N HIS A 169 -6.24 18.20 -2.24
CA HIS A 169 -5.96 16.98 -1.49
C HIS A 169 -6.69 15.81 -2.13
N ASN A 170 -5.92 14.83 -2.57
CA ASN A 170 -6.43 13.67 -3.22
C ASN A 170 -6.87 12.57 -2.23
N HIS A 171 -7.70 11.65 -2.72
CA HIS A 171 -7.88 10.34 -2.08
C HIS A 171 -7.44 9.32 -3.13
N SER A 172 -8.22 8.29 -3.45
CA SER A 172 -7.75 7.25 -4.39
C SER A 172 -8.31 7.42 -5.78
N ASN A 173 -9.46 8.07 -5.89
CA ASN A 173 -10.18 8.08 -7.19
C ASN A 173 -9.48 8.99 -8.20
N GLU A 174 -8.56 9.83 -7.74
CA GLU A 174 -7.76 10.65 -8.63
C GLU A 174 -6.80 9.75 -9.42
N PHE A 175 -6.67 8.50 -9.01
CA PHE A 175 -5.77 7.56 -9.73
C PHE A 175 -6.53 6.62 -10.62
N LYS A 176 -7.80 6.94 -10.85
CA LYS A 176 -8.51 6.39 -11.99
C LYS A 176 -8.08 7.17 -13.23
N ARG A 177 -8.18 6.49 -14.38
N ARG A 177 -8.14 6.50 -14.39
CA ARG A 177 -7.96 7.06 -15.69
CA ARG A 177 -7.87 7.13 -15.68
C ARG A 177 -9.26 7.49 -16.33
C ARG A 177 -9.17 7.45 -16.40
N VAL A 178 -9.20 8.61 -17.07
CA VAL A 178 -10.32 9.03 -17.87
C VAL A 178 -9.83 9.28 -19.32
N LEU A 179 -10.71 9.01 -20.24
CA LEU A 179 -10.49 9.21 -21.65
C LEU A 179 -10.84 10.64 -22.05
N LYS A 180 -10.47 11.03 -23.26
CA LYS A 180 -11.03 12.27 -23.85
C LYS A 180 -12.46 12.06 -24.26
N ALA A 181 -13.23 13.14 -24.29
CA ALA A 181 -14.53 13.11 -24.96
C ALA A 181 -14.32 12.63 -26.37
N GLY A 182 -15.19 11.74 -26.84
CA GLY A 182 -15.17 11.17 -28.15
C GLY A 182 -14.16 10.07 -28.37
N GLU A 183 -13.37 9.73 -27.36
CA GLU A 183 -12.29 8.77 -27.53
C GLU A 183 -12.85 7.39 -27.54
N LYS A 184 -12.47 6.60 -28.54
CA LYS A 184 -12.95 5.23 -28.67
C LYS A 184 -12.49 4.43 -27.41
N PRO A 185 -13.42 3.83 -26.64
CA PRO A 185 -12.95 2.99 -25.51
C PRO A 185 -12.33 1.67 -26.03
N GLU A 186 -11.60 0.96 -25.17
CA GLU A 186 -11.09 -0.39 -25.52
C GLU A 186 -12.22 -1.32 -25.97
N PRO A 195 -3.35 0.25 -20.29
CA PRO A 195 -4.74 0.77 -20.18
C PRO A 195 -4.85 2.19 -20.75
N LYS A 196 -6.04 2.54 -21.27
CA LYS A 196 -6.24 3.83 -21.93
C LYS A 196 -6.59 4.93 -20.94
N GLY A 197 -6.27 6.15 -21.36
CA GLY A 197 -6.69 7.31 -20.63
C GLY A 197 -5.58 7.83 -19.73
N THR A 198 -5.91 8.88 -19.01
CA THR A 198 -4.93 9.61 -18.22
C THR A 198 -5.40 9.68 -16.79
N TYR A 199 -4.50 9.51 -15.84
CA TYR A 199 -4.86 9.67 -14.45
C TYR A 199 -5.47 11.03 -14.20
N ILE A 200 -6.55 11.06 -13.43
CA ILE A 200 -7.15 12.32 -13.04
C ILE A 200 -6.14 13.26 -12.37
N GLU A 201 -5.38 12.74 -11.41
CA GLU A 201 -4.38 13.54 -10.71
C GLU A 201 -3.42 14.20 -11.72
N GLU A 202 -2.97 13.42 -12.71
CA GLU A 202 -2.08 13.93 -13.74
C GLU A 202 -2.70 15.06 -14.52
N LEU A 203 -3.98 14.93 -14.89
CA LEU A 203 -4.66 15.97 -15.58
C LEU A 203 -4.74 17.26 -14.73
N PHE A 204 -5.01 17.13 -13.45
CA PHE A 204 -5.05 18.30 -12.58
C PHE A 204 -3.67 18.95 -12.49
N LEU A 205 -2.64 18.17 -12.33
CA LEU A 205 -1.28 18.71 -12.37
C LEU A 205 -0.95 19.47 -13.63
N LYS A 206 -1.22 18.82 -14.75
CA LYS A 206 -0.84 19.40 -16.05
C LYS A 206 -1.66 20.59 -16.46
N ASN A 207 -2.86 20.72 -15.90
CA ASN A 207 -3.75 21.80 -16.29
C ASN A 207 -3.90 22.91 -15.23
N THR A 208 -3.08 22.86 -14.18
CA THR A 208 -3.03 23.93 -13.18
C THR A 208 -1.65 24.58 -13.18
N ASP A 209 -1.66 25.87 -12.84
CA ASP A 209 -0.45 26.68 -12.80
C ASP A 209 0.25 26.49 -11.50
N PRO A 210 1.57 26.15 -11.51
CA PRO A 210 2.31 25.96 -10.25
C PRO A 210 2.29 27.18 -9.34
N ASP A 211 2.17 28.38 -9.89
CA ASP A 211 2.12 29.60 -9.08
C ASP A 211 0.75 29.85 -8.47
N LYS A 212 -0.29 29.15 -8.92
CA LYS A 212 -1.64 29.31 -8.38
C LYS A 212 -2.09 28.11 -7.52
N VAL A 213 -1.66 26.90 -7.88
CA VAL A 213 -2.17 25.68 -7.33
C VAL A 213 -1.05 24.76 -6.91
N MSE A 214 -1.13 24.26 -5.67
CA MSE A 214 -0.26 23.16 -5.25
C MSE A 214 -1.14 21.98 -4.81
O MSE A 214 -2.39 22.05 -4.86
CB MSE A 214 0.72 23.63 -4.16
CG MSE A 214 0.06 24.22 -2.91
SE MSE A 214 -0.51 22.86 -1.63
CE MSE A 214 -1.16 24.11 -0.29
N PHE A 215 -0.49 20.87 -4.44
CA PHE A 215 -1.14 19.63 -4.14
C PHE A 215 -0.70 19.17 -2.76
N GLU A 216 -1.69 18.67 -2.03
CA GLU A 216 -1.48 18.02 -0.72
C GLU A 216 -1.58 16.56 -0.99
N LEU A 217 -0.44 15.93 -1.15
CA LEU A 217 -0.38 14.53 -1.57
C LEU A 217 -0.74 13.64 -0.42
N ASP A 218 -1.84 12.92 -0.60
CA ASP A 218 -2.20 11.85 0.38
C ASP A 218 -1.46 10.58 0.04
N VAL A 219 -0.39 10.31 0.79
CA VAL A 219 0.46 9.20 0.45
C VAL A 219 -0.27 7.87 0.64
N TYR A 220 -1.15 7.80 1.64
CA TYR A 220 -1.90 6.56 1.92
C TYR A 220 -2.93 6.30 0.83
N TRP A 221 -3.73 7.30 0.48
CA TRP A 221 -4.78 7.03 -0.50
C TRP A 221 -4.15 6.82 -1.89
N ALA A 222 -2.94 7.32 -2.11
CA ALA A 222 -2.19 7.00 -3.33
C ALA A 222 -1.82 5.50 -3.35
N VAL A 223 -1.25 4.99 -2.24
CA VAL A 223 -0.99 3.53 -2.14
C VAL A 223 -2.28 2.68 -2.30
N MSE A 224 -3.40 3.15 -1.74
CA MSE A 224 -4.66 2.45 -1.86
C MSE A 224 -5.24 2.55 -3.26
O MSE A 224 -6.08 1.74 -3.63
CB MSE A 224 -5.68 2.97 -0.84
CG MSE A 224 -5.25 2.72 0.57
SE MSE A 224 -5.52 0.90 1.10
CE MSE A 224 -7.41 0.93 1.28
N GLY A 225 -4.72 3.50 -4.05
CA GLY A 225 -5.01 3.57 -5.49
C GLY A 225 -3.95 2.90 -6.35
N GLN A 226 -3.12 2.06 -5.71
CA GLN A 226 -2.09 1.26 -6.36
CA GLN A 226 -2.10 1.25 -6.38
C GLN A 226 -0.90 2.06 -6.90
N GLN A 227 -0.70 3.23 -6.36
CA GLN A 227 0.36 4.14 -6.80
C GLN A 227 1.52 4.17 -5.79
N ASP A 228 2.72 4.40 -6.31
CA ASP A 228 3.89 4.70 -5.48
C ASP A 228 3.92 6.24 -5.27
N PRO A 229 3.66 6.69 -4.03
CA PRO A 229 3.67 8.14 -3.83
C PRO A 229 5.04 8.79 -4.09
N VAL A 230 6.11 8.02 -3.90
CA VAL A 230 7.44 8.55 -4.14
C VAL A 230 7.63 8.85 -5.63
N GLU A 231 7.02 8.02 -6.48
CA GLU A 231 7.08 8.21 -7.92
C GLU A 231 6.36 9.51 -8.32
N TRP A 232 5.19 9.73 -7.74
CA TRP A 232 4.46 10.97 -7.99
C TRP A 232 5.26 12.21 -7.56
N MSE A 233 5.86 12.14 -6.37
N MSE A 233 5.87 12.17 -6.39
CA MSE A 233 6.69 13.22 -5.83
CA MSE A 233 6.70 13.27 -5.91
C MSE A 233 7.89 13.50 -6.73
C MSE A 233 7.90 13.52 -6.80
O MSE A 233 8.22 14.65 -7.03
O MSE A 233 8.22 14.66 -7.15
CB MSE A 233 7.10 12.88 -4.39
CB MSE A 233 7.14 13.01 -4.48
CG MSE A 233 5.92 12.81 -3.41
CG MSE A 233 6.08 13.39 -3.50
SE MSE A 233 6.32 11.82 -1.76
SE MSE A 233 6.94 13.32 -1.77
CE MSE A 233 7.48 13.07 -0.81
CE MSE A 233 6.78 11.39 -1.58
N GLU A 234 8.53 12.43 -7.22
CA GLU A 234 9.66 12.56 -8.13
C GLU A 234 9.26 13.16 -9.48
N ASN A 235 8.04 12.90 -9.94
N ASN A 235 8.05 12.88 -9.94
CA ASN A 235 7.66 13.39 -11.25
CA ASN A 235 7.63 13.37 -11.25
C ASN A 235 7.12 14.82 -11.24
C ASN A 235 7.13 14.82 -11.24
N TYR A 236 6.67 15.28 -10.09
CA TYR A 236 6.06 16.63 -9.94
C TYR A 236 6.60 17.30 -8.68
N PRO A 237 7.94 17.51 -8.65
CA PRO A 237 8.58 17.82 -7.38
C PRO A 237 8.21 19.20 -6.81
N ASN A 238 7.85 20.12 -7.70
CA ASN A 238 7.51 21.48 -7.28
C ASN A 238 6.03 21.64 -7.03
N ARG A 239 5.25 20.60 -7.26
CA ARG A 239 3.78 20.72 -7.13
C ARG A 239 3.20 20.18 -5.81
N PHE A 240 3.85 19.15 -5.24
CA PHE A 240 3.42 18.56 -4.00
C PHE A 240 4.08 19.30 -2.86
N LYS A 241 3.41 20.33 -2.35
N LYS A 241 3.40 20.31 -2.32
CA LYS A 241 3.99 21.20 -1.34
CA LYS A 241 4.00 21.18 -1.32
C LYS A 241 3.62 20.79 0.10
C LYS A 241 3.60 20.81 0.11
N LEU A 242 2.57 20.00 0.24
CA LEU A 242 2.16 19.41 1.52
C LEU A 242 1.97 17.91 1.32
N LEU A 243 2.10 17.15 2.41
CA LEU A 243 1.61 15.80 2.45
C LEU A 243 0.52 15.68 3.49
N HIS A 244 -0.37 14.72 3.25
CA HIS A 244 -1.08 14.07 4.35
C HIS A 244 -0.34 12.77 4.68
N ILE A 245 -0.04 12.61 5.96
CA ILE A 245 0.59 11.41 6.48
C ILE A 245 -0.49 10.60 7.17
N LYS A 246 -0.80 9.46 6.55
CA LYS A 246 -1.89 8.60 6.92
C LYS A 246 -1.44 7.15 6.74
N ASP A 247 -1.97 6.27 7.57
CA ASP A 247 -1.65 4.84 7.51
C ASP A 247 -2.97 4.12 7.77
N ARG A 248 -2.96 2.82 8.05
CA ARG A 248 -4.20 2.13 8.40
CA ARG A 248 -4.23 2.15 8.36
C ARG A 248 -4.84 2.81 9.63
N TRP A 249 -4.01 3.04 10.62
CA TRP A 249 -4.43 3.80 11.82
C TRP A 249 -3.21 4.53 12.34
N ILE A 250 -2.53 3.98 13.33
CA ILE A 250 -1.34 4.64 13.86
C ILE A 250 -0.25 4.71 12.80
N ILE A 251 0.31 5.90 12.63
CA ILE A 251 1.35 6.09 11.65
C ILE A 251 2.54 5.19 11.93
N GLY A 252 2.90 4.40 10.91
CA GLY A 252 4.03 3.48 10.98
C GLY A 252 3.79 2.12 11.64
N ASP A 253 2.54 1.78 11.88
N ASP A 253 2.52 1.81 11.86
CA ASP A 253 2.14 0.57 12.63
CA ASP A 253 2.07 0.64 12.57
C ASP A 253 1.69 -0.60 11.72
C ASP A 253 1.38 -0.39 11.70
N SER A 254 1.65 -0.41 10.40
CA SER A 254 1.08 -1.42 9.49
C SER A 254 2.18 -2.01 8.60
N GLY A 255 1.81 -2.97 7.76
CA GLY A 255 2.70 -3.48 6.73
C GLY A 255 2.75 -2.65 5.45
N MSE A 256 2.03 -1.52 5.31
N MSE A 256 1.88 -1.65 5.43
CA MSE A 256 1.75 -0.94 3.94
CA MSE A 256 1.82 -0.67 4.42
C MSE A 256 2.60 0.17 3.23
C MSE A 256 2.61 0.54 4.89
O MSE A 256 2.76 0.09 2.02
O MSE A 256 2.74 0.88 6.02
CB MSE A 256 0.26 -0.54 3.87
CB MSE A 256 0.35 -0.26 4.21
CG MSE A 256 -0.69 -1.59 4.40
CG MSE A 256 0.00 0.10 2.84
SE MSE A 256 -2.55 -0.94 4.29
SE MSE A 256 -1.95 0.35 2.74
CE MSE A 256 -2.26 -0.33 2.54
CE MSE A 256 -2.72 -1.42 2.44
N MSE A 257 3.12 1.21 3.91
CA MSE A 257 3.74 2.52 3.77
C MSE A 257 5.24 2.42 4.13
O MSE A 257 5.61 1.81 5.11
CB MSE A 257 3.04 3.57 4.68
CG MSE A 257 1.53 3.54 4.66
SE MSE A 257 0.92 3.83 2.87
CE MSE A 257 1.80 5.51 2.40
N ASN A 258 6.06 3.05 3.28
CA ASN A 258 7.48 3.19 3.53
C ASN A 258 7.76 4.66 3.86
N PHE A 259 7.53 5.01 5.12
CA PHE A 259 7.71 6.38 5.57
C PHE A 259 9.16 6.83 5.46
N PRO A 260 10.14 5.93 5.68
CA PRO A 260 11.52 6.41 5.48
C PRO A 260 11.74 6.94 4.08
N ASN A 261 11.21 6.24 3.06
CA ASN A 261 11.35 6.73 1.69
C ASN A 261 10.50 7.92 1.34
N ILE A 262 9.27 7.97 1.86
CA ILE A 262 8.37 9.10 1.65
C ILE A 262 8.97 10.39 2.20
N PHE A 263 9.49 10.30 3.42
CA PHE A 263 10.12 11.48 4.04
C PHE A 263 11.43 11.85 3.37
N LYS A 264 12.26 10.89 3.00
CA LYS A 264 13.46 11.18 2.23
C LYS A 264 13.13 11.97 0.95
N LYS A 265 12.13 11.52 0.20
CA LYS A 265 11.78 12.20 -1.03
C LYS A 265 11.16 13.58 -0.73
N ALA A 266 10.38 13.66 0.34
CA ALA A 266 9.72 14.91 0.72
C ALA A 266 10.75 16.00 0.95
N TYR A 267 11.82 15.66 1.66
CA TYR A 267 12.86 16.66 1.90
C TYR A 267 13.65 17.00 0.67
N GLU A 268 13.84 16.02 -0.22
CA GLU A 268 14.46 16.28 -1.51
C GLU A 268 13.69 17.27 -2.33
N ILE A 269 12.37 17.11 -2.40
CA ILE A 269 11.56 17.98 -3.23
C ILE A 269 11.19 19.27 -2.53
N GLY A 270 11.41 19.35 -1.23
CA GLY A 270 11.21 20.60 -0.50
C GLY A 270 9.81 20.86 0.00
N ILE A 271 9.13 19.85 0.51
CA ILE A 271 7.76 20.06 1.00
C ILE A 271 7.78 21.12 2.09
N LEU A 272 6.68 21.85 2.19
CA LEU A 272 6.53 22.89 3.21
C LEU A 272 6.09 22.36 4.58
N GLY A 273 5.43 21.22 4.56
CA GLY A 273 4.98 20.59 5.77
C GLY A 273 4.02 19.47 5.50
N TYR A 274 3.55 18.88 6.59
CA TYR A 274 2.63 17.78 6.51
C TYR A 274 1.62 17.73 7.65
N TYR A 275 0.50 17.10 7.38
CA TYR A 275 -0.51 16.88 8.38
C TYR A 275 -0.84 15.42 8.48
N VAL A 276 -0.81 14.92 9.72
CA VAL A 276 -1.30 13.60 10.06
C VAL A 276 -2.82 13.52 10.02
N GLU A 277 -3.33 12.41 9.51
CA GLU A 277 -4.75 12.10 9.64
C GLU A 277 -4.94 10.65 9.98
N LEU A 278 -5.94 10.39 10.82
CA LEU A 278 -6.41 9.05 11.14
C LEU A 278 -7.91 8.96 10.93
N GLU A 279 -8.31 7.85 10.35
CA GLU A 279 -9.71 7.48 10.30
CA GLU A 279 -9.70 7.34 10.27
C GLU A 279 -10.11 6.85 11.63
N GLY A 280 -11.40 6.61 11.81
CA GLY A 280 -11.95 6.03 13.05
C GLY A 280 -11.40 4.64 13.28
N ASP A 281 -11.04 4.35 14.54
CA ASP A 281 -10.52 3.04 14.89
C ASP A 281 -11.57 1.98 14.75
N LYS A 282 -11.11 0.78 14.44
CA LYS A 282 -11.94 -0.38 14.34
C LYS A 282 -11.86 -1.27 15.57
N LYS A 283 -10.93 -0.97 16.49
CA LYS A 283 -10.69 -1.82 17.65
C LYS A 283 -10.98 -1.16 18.99
N GLY A 284 -11.89 -0.20 19.00
CA GLY A 284 -12.44 0.34 20.23
C GLY A 284 -11.63 1.39 20.96
N ARG A 285 -10.56 1.86 20.34
CA ARG A 285 -9.64 2.79 20.98
C ARG A 285 -10.05 4.22 20.66
N THR A 286 -9.47 5.15 21.41
CA THR A 286 -9.73 6.57 21.15
C THR A 286 -8.90 7.09 19.99
N GLN A 287 -9.43 8.10 19.30
CA GLN A 287 -8.62 8.82 18.32
C GLN A 287 -7.44 9.48 18.96
N PHE A 288 -7.60 10.01 20.18
CA PHE A 288 -6.43 10.62 20.85
C PHE A 288 -5.28 9.67 20.97
N GLU A 289 -5.56 8.43 21.34
CA GLU A 289 -4.49 7.43 21.43
C GLU A 289 -3.74 7.27 20.14
N GLY A 290 -4.48 7.13 19.05
CA GLY A 290 -3.87 6.93 17.72
C GLY A 290 -3.06 8.13 17.28
N VAL A 291 -3.58 9.30 17.63
CA VAL A 291 -2.92 10.56 17.30
C VAL A 291 -1.64 10.73 18.13
N GLU A 292 -1.70 10.37 19.40
CA GLU A 292 -0.54 10.45 20.29
C GLU A 292 0.57 9.45 19.89
N LYS A 293 0.17 8.22 19.60
CA LYS A 293 1.09 7.17 19.19
C LYS A 293 1.72 7.47 17.82
N SER A 294 0.97 8.11 16.94
CA SER A 294 1.46 8.58 15.63
C SER A 294 2.53 9.61 15.85
N ALA A 295 2.25 10.54 16.75
CA ALA A 295 3.22 11.60 17.08
C ALA A 295 4.48 10.96 17.63
N ALA A 296 4.34 9.95 18.51
CA ALA A 296 5.50 9.30 19.13
C ALA A 296 6.42 8.67 18.05
N TYR A 297 5.84 8.09 17.03
CA TYR A 297 6.61 7.49 15.93
C TYR A 297 7.37 8.55 15.16
N LEU A 298 6.69 9.64 14.84
CA LEU A 298 7.30 10.65 13.98
C LEU A 298 8.37 11.41 14.75
N GLN A 299 8.11 11.65 16.03
CA GLN A 299 9.06 12.36 16.84
C GLN A 299 10.32 11.52 17.02
N ALA A 300 10.20 10.20 17.18
CA ALA A 300 11.38 9.32 17.39
C ALA A 300 12.07 8.93 16.07
N ALA A 301 11.38 9.08 14.95
CA ALA A 301 11.89 8.59 13.66
C ALA A 301 13.08 9.46 13.24
N PRO A 302 14.25 8.85 13.00
CA PRO A 302 15.33 9.69 12.58
C PRO A 302 15.23 10.26 11.16
N PHE A 303 14.38 9.67 10.32
CA PHE A 303 14.16 10.16 8.97
C PHE A 303 13.16 11.30 8.88
N VAL A 304 12.51 11.63 10.01
CA VAL A 304 11.61 12.77 10.11
C VAL A 304 12.39 13.89 10.75
N LYS A 305 12.41 15.03 10.08
CA LYS A 305 13.26 16.15 10.45
C LYS A 305 12.48 17.12 11.31
N VAL B 14 32.44 -7.38 11.06
CA VAL B 14 31.30 -8.30 11.33
C VAL B 14 31.74 -9.22 12.46
N SER B 15 30.86 -10.13 12.85
CA SER B 15 31.37 -11.25 13.65
C SER B 15 31.35 -12.51 12.79
N SER B 16 32.40 -13.30 12.94
CA SER B 16 32.47 -14.58 12.22
CA SER B 16 32.54 -14.60 12.27
C SER B 16 31.52 -15.65 12.79
N ALA B 17 30.81 -15.33 13.87
CA ALA B 17 29.86 -16.26 14.46
C ALA B 17 28.43 -15.90 14.13
N THR B 18 28.21 -14.81 13.40
CA THR B 18 26.89 -14.40 13.05
C THR B 18 26.28 -15.27 11.95
N ALA B 19 25.21 -15.97 12.27
CA ALA B 19 24.50 -16.76 11.30
C ALA B 19 24.12 -15.95 10.06
N GLY B 20 24.35 -16.53 8.89
CA GLY B 20 23.93 -15.91 7.63
C GLY B 20 22.42 -15.81 7.55
N LYS B 21 21.94 -14.88 6.76
CA LYS B 21 20.50 -14.67 6.58
C LYS B 21 19.97 -15.67 5.55
N LYS B 22 18.96 -16.43 5.92
CA LYS B 22 18.38 -17.41 4.96
C LYS B 22 17.40 -16.61 4.10
N MSE B 23 17.69 -16.57 2.80
CA MSE B 23 17.12 -15.58 1.90
C MSE B 23 16.80 -16.25 0.59
O MSE B 23 17.68 -16.75 -0.07
CB MSE B 23 18.13 -14.43 1.68
CG MSE B 23 17.65 -13.36 0.82
SE MSE B 23 18.87 -11.82 0.77
CE MSE B 23 18.80 -11.41 2.74
N GLY B 24 15.54 -16.28 0.22
CA GLY B 24 15.15 -16.92 -1.01
C GLY B 24 14.86 -16.00 -2.17
N LEU B 25 14.86 -16.60 -3.35
CA LEU B 25 14.47 -15.94 -4.58
C LEU B 25 13.57 -16.85 -5.41
N GLN B 26 12.46 -16.31 -5.90
CA GLN B 26 11.71 -16.95 -6.94
C GLN B 26 12.36 -16.66 -8.30
N THR B 27 12.91 -17.70 -8.95
CA THR B 27 13.78 -17.55 -10.08
C THR B 27 13.10 -17.05 -11.36
N TYR B 28 11.76 -17.18 -11.41
CA TYR B 28 10.97 -16.53 -12.48
C TYR B 28 11.31 -15.04 -12.64
N SER B 29 11.66 -14.42 -11.52
CA SER B 29 12.15 -13.03 -11.51
C SER B 29 13.23 -12.73 -12.53
N LEU B 30 14.08 -13.71 -12.84
CA LEU B 30 15.22 -13.44 -13.68
C LEU B 30 14.97 -13.74 -15.17
N GLY B 31 13.89 -14.44 -15.46
CA GLY B 31 13.53 -14.79 -16.82
C GLY B 31 14.68 -15.44 -17.54
N GLN B 32 14.90 -14.95 -18.76
CA GLN B 32 15.93 -15.49 -19.63
C GLN B 32 17.32 -15.13 -19.14
N GLU B 33 17.42 -14.11 -18.30
CA GLU B 33 18.74 -13.69 -17.82
C GLU B 33 19.50 -14.77 -17.06
N LEU B 34 18.77 -15.61 -16.32
CA LEU B 34 19.34 -16.75 -15.60
C LEU B 34 19.39 -17.95 -16.54
N LEU B 35 18.28 -18.25 -17.19
CA LEU B 35 18.17 -19.43 -18.05
C LEU B 35 19.27 -19.50 -19.11
N GLN B 36 19.81 -18.35 -19.53
CA GLN B 36 20.84 -18.31 -20.58
C GLN B 36 22.26 -18.64 -20.11
N ASP B 37 22.50 -18.62 -18.80
CA ASP B 37 23.77 -19.06 -18.23
C ASP B 37 23.57 -19.43 -16.77
N MSE B 38 23.09 -20.64 -16.54
CA MSE B 38 22.69 -21.10 -15.21
C MSE B 38 23.85 -21.17 -14.22
O MSE B 38 23.72 -20.65 -13.12
CB MSE B 38 21.97 -22.44 -15.28
CG MSE B 38 20.67 -22.37 -16.02
SE MSE B 38 19.17 -22.12 -14.86
CE MSE B 38 18.29 -23.83 -15.28
N PRO B 39 24.95 -21.84 -14.58
CA PRO B 39 26.07 -21.88 -13.64
C PRO B 39 26.59 -20.50 -13.16
N ASN B 40 26.86 -19.57 -14.07
CA ASN B 40 27.32 -18.25 -13.71
CA ASN B 40 27.35 -18.28 -13.66
C ASN B 40 26.25 -17.44 -12.97
N GLY B 41 25.00 -17.56 -13.44
CA GLY B 41 23.88 -16.86 -12.80
C GLY B 41 23.67 -17.30 -11.37
N LEU B 42 23.76 -18.61 -11.12
CA LEU B 42 23.65 -19.13 -9.77
C LEU B 42 24.77 -18.64 -8.87
N ASN B 43 25.98 -18.56 -9.41
CA ASN B 43 27.11 -18.04 -8.65
C ASN B 43 26.85 -16.59 -8.26
N ARG B 44 26.31 -15.80 -9.18
CA ARG B 44 25.94 -14.42 -8.86
C ARG B 44 24.93 -14.37 -7.72
N LEU B 45 23.92 -15.23 -7.75
CA LEU B 45 22.91 -15.23 -6.71
C LEU B 45 23.52 -15.57 -5.36
N ALA B 46 24.41 -16.57 -5.36
CA ALA B 46 25.06 -17.00 -4.12
C ALA B 46 25.93 -15.88 -3.55
N LYS B 47 26.62 -15.15 -4.43
CA LYS B 47 27.53 -14.08 -4.01
C LYS B 47 26.71 -12.93 -3.44
N ALA B 48 25.49 -12.73 -3.94
CA ALA B 48 24.58 -11.70 -3.37
C ALA B 48 24.03 -12.07 -1.98
N GLY B 49 24.18 -13.30 -1.56
CA GLY B 49 23.61 -13.76 -0.29
C GLY B 49 22.33 -14.57 -0.36
N TYR B 50 21.78 -14.82 -1.56
CA TYR B 50 20.66 -15.75 -1.66
C TYR B 50 21.15 -17.13 -1.23
N THR B 51 20.32 -17.84 -0.46
CA THR B 51 20.64 -19.17 -0.03
C THR B 51 19.66 -20.20 -0.62
N ASP B 52 18.48 -19.72 -0.96
CA ASP B 52 17.34 -20.59 -1.28
C ASP B 52 16.69 -20.12 -2.56
N LEU B 53 16.29 -21.08 -3.36
CA LEU B 53 15.50 -20.84 -4.58
C LEU B 53 14.11 -21.44 -4.47
N GLU B 54 13.14 -20.71 -5.02
CA GLU B 54 11.82 -21.26 -5.37
C GLU B 54 11.74 -21.20 -6.88
N ILE B 55 11.52 -22.37 -7.50
CA ILE B 55 11.60 -22.46 -8.95
C ILE B 55 10.19 -22.53 -9.56
N PHE B 56 10.15 -22.86 -10.85
CA PHE B 56 8.92 -22.89 -11.61
C PHE B 56 9.17 -23.79 -12.79
N GLY B 57 8.16 -24.05 -13.59
CA GLY B 57 8.40 -24.76 -14.82
C GLY B 57 8.19 -26.26 -14.86
N TYR B 58 7.67 -26.84 -13.79
CA TYR B 58 7.33 -28.28 -13.77
C TYR B 58 6.39 -28.62 -14.91
N ARG B 59 6.72 -29.69 -15.64
CA ARG B 59 5.85 -30.21 -16.72
C ARG B 59 5.29 -31.55 -16.28
N GLU B 60 3.97 -31.64 -16.26
CA GLU B 60 3.29 -32.83 -15.73
C GLU B 60 3.36 -34.03 -16.63
N ASP B 61 3.63 -33.80 -17.91
CA ASP B 61 3.66 -34.89 -18.88
C ASP B 61 4.98 -35.64 -18.84
N THR B 62 6.09 -34.97 -18.53
CA THR B 62 7.40 -35.61 -18.39
C THR B 62 7.97 -35.65 -16.98
N GLY B 63 7.52 -34.77 -16.10
CA GLY B 63 8.11 -34.70 -14.78
C GLY B 63 9.41 -33.88 -14.74
N LYS B 64 9.76 -33.22 -15.85
CA LYS B 64 10.95 -32.38 -15.88
C LYS B 64 10.59 -30.89 -15.74
N PHE B 65 11.61 -30.03 -15.69
CA PHE B 65 11.42 -28.61 -15.51
C PHE B 65 11.96 -27.83 -16.70
N GLY B 66 11.16 -26.88 -17.17
CA GLY B 66 11.60 -25.97 -18.23
C GLY B 66 10.93 -24.63 -18.16
N ASP B 67 11.39 -23.70 -18.98
CA ASP B 67 10.73 -22.41 -19.04
C ASP B 67 9.45 -22.56 -19.87
N TYR B 68 8.49 -21.68 -19.64
CA TYR B 68 7.14 -21.79 -20.20
C TYR B 68 7.04 -21.51 -21.71
N ASN B 69 7.92 -20.64 -22.21
CA ASN B 69 8.00 -20.30 -23.63
C ASN B 69 7.68 -21.43 -24.63
N ASN B 72 11.00 -23.26 -26.45
CA ASN B 72 11.90 -23.96 -25.52
C ASN B 72 11.73 -25.48 -25.52
N THR B 73 12.83 -26.19 -25.81
CA THR B 73 12.91 -27.66 -25.76
C THR B 73 13.92 -28.14 -24.70
N THR B 74 14.53 -27.20 -23.99
CA THR B 74 15.43 -27.43 -22.86
C THR B 74 14.65 -27.76 -21.59
N PHE B 75 14.75 -29.01 -21.14
CA PHE B 75 14.16 -29.43 -19.86
C PHE B 75 15.18 -30.15 -18.99
N ILE B 76 15.06 -30.00 -17.68
CA ILE B 76 16.02 -30.59 -16.76
C ILE B 76 15.30 -31.48 -15.73
N ALA B 77 15.92 -32.61 -15.42
CA ALA B 77 15.39 -33.58 -14.47
C ALA B 77 15.73 -33.14 -13.05
N SER B 78 14.89 -33.51 -12.09
CA SER B 78 15.12 -33.14 -10.70
C SER B 78 16.56 -33.37 -10.23
N LYS B 79 17.10 -34.57 -10.41
CA LYS B 79 18.37 -34.81 -9.74
C LYS B 79 19.48 -33.89 -10.30
N ASP B 80 19.37 -33.55 -11.59
CA ASP B 80 20.35 -32.72 -12.24
C ASP B 80 20.17 -31.25 -11.86
N TYR B 81 18.92 -30.87 -11.67
CA TYR B 81 18.62 -29.49 -11.25
C TYR B 81 19.13 -29.29 -9.81
N LYS B 82 18.83 -30.25 -8.92
CA LYS B 82 19.31 -30.22 -7.55
C LYS B 82 20.83 -30.16 -7.48
N LYS B 83 21.52 -30.97 -8.28
N LYS B 83 21.53 -30.96 -8.28
CA LYS B 83 22.97 -31.00 -8.29
CA LYS B 83 22.99 -30.97 -8.25
C LYS B 83 23.57 -29.64 -8.69
C LYS B 83 23.58 -29.63 -8.69
N MSE B 84 23.04 -29.06 -9.76
CA MSE B 84 23.51 -27.79 -10.25
C MSE B 84 23.36 -26.67 -9.20
O MSE B 84 24.27 -25.86 -8.99
CB MSE B 84 22.75 -27.42 -11.49
CG MSE B 84 23.19 -26.15 -12.12
SE MSE B 84 22.17 -25.82 -13.77
CE MSE B 84 20.33 -25.98 -13.15
N VAL B 85 22.21 -26.65 -8.55
CA VAL B 85 21.94 -25.64 -7.54
C VAL B 85 22.78 -25.88 -6.29
N ASP B 86 22.80 -27.11 -5.80
CA ASP B 86 23.65 -27.50 -4.66
C ASP B 86 25.11 -27.11 -4.89
N ASP B 87 25.62 -27.35 -6.10
CA ASP B 87 27.01 -27.09 -6.42
C ASP B 87 27.31 -25.59 -6.42
N ALA B 88 26.30 -24.77 -6.65
CA ALA B 88 26.44 -23.30 -6.51
C ALA B 88 26.35 -22.79 -5.07
N GLY B 89 26.12 -23.68 -4.10
CA GLY B 89 25.93 -23.29 -2.68
C GLY B 89 24.53 -22.78 -2.34
N LEU B 90 23.53 -23.15 -3.15
CA LEU B 90 22.16 -22.81 -2.87
C LEU B 90 21.35 -24.08 -2.69
N ARG B 91 20.08 -23.89 -2.34
CA ARG B 91 19.18 -25.00 -2.19
C ARG B 91 17.85 -24.65 -2.86
N ILE B 92 17.33 -25.55 -3.69
CA ILE B 92 15.94 -25.44 -4.18
C ILE B 92 15.00 -25.91 -3.06
N SER B 93 14.35 -24.97 -2.39
CA SER B 93 13.54 -25.27 -1.23
C SER B 93 12.04 -25.19 -1.49
N SER B 94 11.64 -24.60 -2.61
CA SER B 94 10.21 -24.51 -2.98
C SER B 94 10.08 -24.47 -4.50
N SER B 95 8.84 -24.67 -4.93
CA SER B 95 8.54 -24.74 -6.33
C SER B 95 7.10 -24.28 -6.52
N HIS B 96 6.91 -23.48 -7.57
CA HIS B 96 5.58 -23.03 -8.00
C HIS B 96 5.08 -23.93 -9.13
N LEU B 97 3.86 -24.45 -9.00
CA LEU B 97 3.30 -25.24 -10.05
C LEU B 97 1.80 -25.23 -9.99
N THR B 98 1.19 -25.35 -11.17
CA THR B 98 -0.26 -25.35 -11.30
C THR B 98 -0.68 -26.45 -12.24
N PRO B 99 -1.73 -27.23 -11.87
CA PRO B 99 -2.23 -28.26 -12.79
C PRO B 99 -2.68 -27.70 -14.10
N SER B 100 -2.48 -28.45 -15.16
CA SER B 100 -3.06 -28.03 -16.44
C SER B 100 -4.58 -28.12 -16.42
N LEU B 101 -5.12 -29.00 -15.60
CA LEU B 101 -6.57 -29.18 -15.51
C LEU B 101 -7.14 -27.94 -14.80
N ARG B 102 -8.05 -27.24 -15.48
CA ARG B 102 -8.57 -25.97 -14.96
C ARG B 102 -9.98 -26.03 -14.38
N GLU B 103 -10.65 -27.18 -14.49
CA GLU B 103 -12.02 -27.33 -13.98
C GLU B 103 -11.99 -27.93 -12.55
N TYR B 104 -12.22 -27.07 -11.56
CA TYR B 104 -12.14 -27.43 -10.15
C TYR B 104 -13.50 -27.92 -9.69
N THR B 105 -13.75 -29.19 -9.96
CA THR B 105 -15.06 -29.80 -9.74
C THR B 105 -14.84 -31.06 -8.92
N LYS B 106 -15.88 -31.49 -8.19
CA LYS B 106 -15.72 -32.72 -7.40
C LYS B 106 -15.40 -33.93 -8.30
N GLU B 107 -15.99 -33.96 -9.49
CA GLU B 107 -15.75 -35.05 -10.41
C GLU B 107 -14.27 -35.19 -10.78
N ASN B 108 -13.55 -34.06 -10.85
CA ASN B 108 -12.16 -34.03 -11.25
C ASN B 108 -11.18 -34.23 -10.09
N MSE B 109 -11.68 -34.43 -8.88
CA MSE B 109 -10.76 -34.57 -7.72
C MSE B 109 -9.75 -35.72 -7.88
O MSE B 109 -8.56 -35.55 -7.60
CB MSE B 109 -11.56 -34.65 -6.41
CG MSE B 109 -12.16 -33.35 -6.06
SE MSE B 109 -13.09 -33.44 -4.35
CE MSE B 109 -13.72 -31.60 -4.18
N PRO B 110 -10.18 -36.86 -8.43
CA PRO B 110 -9.18 -37.89 -8.66
C PRO B 110 -8.09 -37.49 -9.64
N LYS B 111 -8.43 -36.68 -10.64
CA LYS B 111 -7.43 -36.21 -11.58
C LYS B 111 -6.47 -35.23 -10.93
N PHE B 112 -6.95 -34.37 -10.03
CA PHE B 112 -6.06 -33.45 -9.35
C PHE B 112 -5.15 -34.26 -8.46
N ASP B 113 -5.73 -35.30 -7.82
CA ASP B 113 -4.88 -36.19 -7.02
C ASP B 113 -3.73 -36.78 -7.84
N GLU B 114 -4.03 -37.23 -9.05
N GLU B 114 -4.00 -37.24 -9.05
CA GLU B 114 -3.03 -37.79 -9.98
CA GLU B 114 -2.92 -37.84 -9.86
C GLU B 114 -1.89 -36.79 -10.18
C GLU B 114 -1.85 -36.80 -10.24
N PHE B 115 -2.27 -35.55 -10.46
CA PHE B 115 -1.29 -34.50 -10.76
C PHE B 115 -0.38 -34.35 -9.57
N TRP B 116 -0.99 -34.20 -8.40
CA TRP B 116 -0.21 -33.90 -7.21
C TRP B 116 0.66 -35.08 -6.74
N LYS B 117 0.16 -36.30 -6.91
CA LYS B 117 0.98 -37.49 -6.62
C LYS B 117 2.23 -37.55 -7.45
N LYS B 118 2.09 -37.41 -8.77
CA LYS B 118 3.24 -37.47 -9.65
C LYS B 118 4.18 -36.33 -9.34
N ALA B 119 3.62 -35.12 -9.19
CA ALA B 119 4.46 -33.95 -8.89
C ALA B 119 5.21 -34.14 -7.57
N THR B 120 4.56 -34.77 -6.58
CA THR B 120 5.22 -34.95 -5.28
C THR B 120 6.42 -35.89 -5.40
N ASP B 121 6.28 -36.94 -6.17
CA ASP B 121 7.43 -37.86 -6.35
C ASP B 121 8.60 -37.13 -7.01
N ILE B 122 8.30 -36.32 -8.02
CA ILE B 122 9.35 -35.56 -8.72
C ILE B 122 10.00 -34.52 -7.81
N HIS B 123 9.19 -33.83 -7.02
CA HIS B 123 9.71 -32.81 -6.12
C HIS B 123 10.46 -33.39 -4.90
N ALA B 124 10.13 -34.61 -4.51
CA ALA B 124 10.91 -35.34 -3.53
C ALA B 124 12.32 -35.58 -4.05
N GLU B 125 12.46 -35.91 -5.31
N GLU B 125 12.46 -35.98 -5.32
CA GLU B 125 13.79 -36.04 -5.89
CA GLU B 125 13.81 -36.10 -5.95
C GLU B 125 14.49 -34.71 -6.00
C GLU B 125 14.49 -34.73 -6.02
N LEU B 126 13.71 -33.66 -6.24
CA LEU B 126 14.21 -32.30 -6.30
C LEU B 126 14.72 -31.81 -4.93
N GLY B 127 14.16 -32.35 -3.85
CA GLY B 127 14.63 -32.06 -2.49
C GLY B 127 14.00 -30.85 -1.83
N VAL B 128 12.84 -30.44 -2.32
CA VAL B 128 12.15 -29.23 -1.82
C VAL B 128 11.52 -29.49 -0.45
N SER B 129 11.30 -28.39 0.28
CA SER B 129 10.52 -28.44 1.52
C SER B 129 9.07 -28.10 1.25
N CYS B 130 8.83 -27.35 0.17
CA CYS B 130 7.50 -26.84 -0.16
C CYS B 130 7.15 -26.94 -1.61
N MSE B 131 5.84 -27.12 -1.88
CA MSE B 131 5.26 -27.09 -3.22
C MSE B 131 4.06 -26.14 -3.13
O MSE B 131 3.23 -26.29 -2.22
CB MSE B 131 4.79 -28.45 -3.68
CG MSE B 131 5.86 -29.43 -3.97
SE MSE B 131 5.37 -31.28 -3.93
CE MSE B 131 4.12 -31.33 -5.41
N VAL B 132 4.00 -25.16 -4.04
CA VAL B 132 3.05 -24.05 -3.92
C VAL B 132 2.34 -23.82 -5.25
N GLN B 133 1.03 -23.73 -5.19
CA GLN B 133 0.23 -23.35 -6.34
C GLN B 133 -0.02 -21.85 -6.27
N PRO B 134 0.35 -21.12 -7.33
CA PRO B 134 0.23 -19.65 -7.37
C PRO B 134 -0.90 -19.13 -8.24
N SER B 135 -1.89 -19.96 -8.56
CA SER B 135 -2.88 -19.68 -9.54
C SER B 135 -4.26 -19.84 -8.95
N LEU B 136 -5.04 -18.79 -9.04
CA LEU B 136 -6.43 -18.76 -8.56
C LEU B 136 -7.44 -19.38 -9.52
N PRO B 137 -8.16 -20.44 -9.07
CA PRO B 137 -9.25 -20.95 -9.88
C PRO B 137 -10.40 -19.96 -9.94
N ARG B 138 -11.36 -20.25 -10.82
CA ARG B 138 -12.57 -19.44 -10.90
C ARG B 138 -13.34 -19.61 -9.61
N ILE B 139 -13.64 -18.51 -8.95
CA ILE B 139 -14.41 -18.52 -7.71
C ILE B 139 -15.54 -17.49 -7.80
N GLU B 140 -16.76 -17.96 -7.96
CA GLU B 140 -17.92 -17.08 -8.07
C GLU B 140 -18.73 -16.99 -6.78
N ASN B 141 -18.58 -17.94 -5.84
CA ASN B 141 -19.36 -17.96 -4.62
C ASN B 141 -18.66 -18.89 -3.62
N GLU B 142 -19.20 -19.01 -2.42
CA GLU B 142 -18.52 -19.80 -1.40
C GLU B 142 -18.45 -21.28 -1.75
N ASP B 143 -19.41 -21.82 -2.49
CA ASP B 143 -19.32 -23.23 -2.87
C ASP B 143 -18.09 -23.50 -3.74
N ASP B 144 -17.82 -22.63 -4.72
CA ASP B 144 -16.67 -22.81 -5.55
C ASP B 144 -15.41 -22.78 -4.66
N ALA B 145 -15.37 -21.85 -3.71
CA ALA B 145 -14.22 -21.75 -2.79
C ALA B 145 -14.06 -23.03 -1.95
N LYS B 146 -15.17 -23.63 -1.52
CA LYS B 146 -15.12 -24.88 -0.71
C LYS B 146 -14.65 -26.07 -1.54
N VAL B 147 -15.05 -26.16 -2.80
CA VAL B 147 -14.56 -27.23 -3.69
C VAL B 147 -13.06 -27.11 -3.93
N VAL B 148 -12.64 -25.90 -4.24
CA VAL B 148 -11.22 -25.61 -4.41
C VAL B 148 -10.46 -25.97 -3.13
N SER B 149 -10.96 -25.54 -1.98
CA SER B 149 -10.27 -25.81 -0.73
C SER B 149 -10.09 -27.29 -0.49
N GLU B 150 -11.08 -28.08 -0.81
CA GLU B 150 -10.99 -29.53 -0.64
C GLU B 150 -9.96 -30.16 -1.60
N ILE B 151 -9.85 -29.62 -2.83
CA ILE B 151 -8.87 -30.12 -3.77
C ILE B 151 -7.49 -29.80 -3.20
N PHE B 152 -7.34 -28.59 -2.65
CA PHE B 152 -6.12 -28.18 -1.99
C PHE B 152 -5.78 -29.07 -0.76
N ASN B 153 -6.77 -29.38 0.07
CA ASN B 153 -6.56 -30.32 1.19
C ASN B 153 -6.05 -31.66 0.73
N ARG B 154 -6.64 -32.18 -0.34
CA ARG B 154 -6.21 -33.46 -0.90
C ARG B 154 -4.75 -33.35 -1.42
N ALA B 155 -4.43 -32.27 -2.11
CA ALA B 155 -3.06 -32.04 -2.56
C ALA B 155 -2.09 -32.05 -1.39
N GLY B 156 -2.41 -31.36 -0.30
CA GLY B 156 -1.49 -31.26 0.83
C GLY B 156 -1.35 -32.59 1.58
N GLU B 157 -2.43 -33.38 1.62
CA GLU B 157 -2.31 -34.70 2.24
CA GLU B 157 -2.40 -34.73 2.19
C GLU B 157 -1.36 -35.57 1.42
N ILE B 158 -1.40 -35.42 0.10
CA ILE B 158 -0.46 -36.10 -0.80
C ILE B 158 0.99 -35.66 -0.61
N THR B 159 1.23 -34.35 -0.55
CA THR B 159 2.60 -33.88 -0.42
C THR B 159 3.18 -34.24 0.94
N LYS B 160 2.34 -34.21 1.97
CA LYS B 160 2.74 -34.48 3.37
C LYS B 160 3.34 -35.89 3.49
N LYS B 161 2.88 -36.82 2.67
CA LYS B 161 3.41 -38.20 2.66
C LYS B 161 4.89 -38.25 2.32
N ALA B 162 5.37 -37.28 1.53
CA ALA B 162 6.79 -37.16 1.20
C ALA B 162 7.54 -36.17 2.10
N GLY B 163 6.88 -35.65 3.13
CA GLY B 163 7.47 -34.70 4.03
C GLY B 163 7.55 -33.28 3.45
N ILE B 164 6.68 -32.98 2.50
CA ILE B 164 6.66 -31.69 1.79
C ILE B 164 5.37 -30.92 2.11
N LEU B 165 5.52 -29.63 2.39
CA LEU B 165 4.40 -28.78 2.71
C LEU B 165 3.76 -28.24 1.45
N TRP B 166 2.45 -28.46 1.29
CA TRP B 166 1.71 -27.80 0.22
C TRP B 166 1.23 -26.44 0.63
N GLY B 167 1.36 -25.45 -0.27
CA GLY B 167 0.83 -24.14 0.00
C GLY B 167 0.26 -23.42 -1.21
N TYR B 168 -0.33 -22.27 -0.92
CA TYR B 168 -1.07 -21.49 -1.89
C TYR B 168 -0.54 -20.04 -1.85
N HIS B 169 -0.18 -19.53 -3.03
CA HIS B 169 0.36 -18.17 -3.20
C HIS B 169 -0.71 -17.29 -3.85
N ASN B 170 -1.09 -16.24 -3.14
CA ASN B 170 -2.05 -15.28 -3.62
C ASN B 170 -1.44 -14.15 -4.48
N HIS B 171 -2.28 -13.54 -5.29
CA HIS B 171 -2.05 -12.22 -5.81
C HIS B 171 -3.08 -11.26 -5.20
N SER B 172 -3.79 -10.46 -5.99
CA SER B 172 -4.75 -9.49 -5.42
CA SER B 172 -4.74 -9.51 -5.40
C SER B 172 -6.19 -9.96 -5.52
N ASN B 173 -6.47 -10.83 -6.46
CA ASN B 173 -7.87 -11.14 -6.69
C ASN B 173 -8.49 -12.02 -5.58
N GLU B 174 -7.65 -12.62 -4.74
CA GLU B 174 -8.10 -13.30 -3.55
C GLU B 174 -8.69 -12.35 -2.53
N PHE B 175 -8.56 -11.04 -2.72
CA PHE B 175 -9.16 -10.06 -1.83
C PHE B 175 -10.39 -9.40 -2.41
N LYS B 176 -10.93 -10.01 -3.44
CA LYS B 176 -12.30 -9.81 -3.84
C LYS B 176 -13.19 -10.63 -2.92
N ARG B 177 -14.43 -10.18 -2.77
N ARG B 177 -14.44 -10.19 -2.79
CA ARG B 177 -15.40 -10.86 -1.92
CA ARG B 177 -15.40 -10.82 -1.88
C ARG B 177 -16.38 -11.63 -2.77
C ARG B 177 -16.46 -11.55 -2.69
N VAL B 178 -16.86 -12.74 -2.23
CA VAL B 178 -17.95 -13.50 -2.87
C VAL B 178 -18.99 -13.85 -1.82
N LEU B 179 -20.20 -14.12 -2.33
CA LEU B 179 -21.34 -14.44 -1.55
C LEU B 179 -21.51 -15.96 -1.49
N LYS B 180 -22.46 -16.40 -0.67
CA LYS B 180 -22.82 -17.80 -0.69
C LYS B 180 -23.55 -18.12 -1.98
N ALA B 181 -23.47 -19.38 -2.39
CA ALA B 181 -24.23 -19.86 -3.53
C ALA B 181 -25.69 -19.64 -3.20
N GLY B 182 -26.48 -19.23 -4.17
CA GLY B 182 -27.90 -19.05 -3.88
C GLY B 182 -28.30 -17.65 -3.46
N GLU B 183 -27.35 -16.80 -3.08
N GLU B 183 -27.33 -16.84 -3.03
CA GLU B 183 -27.69 -15.42 -2.81
CA GLU B 183 -27.51 -15.40 -2.82
C GLU B 183 -27.30 -14.51 -3.98
C GLU B 183 -27.39 -14.70 -4.18
N LYS B 184 -28.28 -13.75 -4.48
CA LYS B 184 -28.11 -12.89 -5.66
C LYS B 184 -27.34 -11.66 -5.25
N PRO B 185 -26.34 -11.27 -6.06
CA PRO B 185 -25.58 -10.07 -5.69
C PRO B 185 -26.38 -8.78 -5.80
N GLU B 186 -25.88 -7.72 -5.17
CA GLU B 186 -26.41 -6.37 -5.41
C GLU B 186 -26.03 -5.98 -6.85
N GLN B 187 -27.03 -5.73 -7.70
CA GLN B 187 -26.81 -5.25 -9.07
C GLN B 187 -26.15 -3.86 -9.09
N ASN B 188 -26.52 -3.00 -8.11
CA ASN B 188 -26.16 -1.58 -8.08
C ASN B 188 -25.19 -1.15 -6.97
N PRO B 189 -23.91 -1.58 -7.06
CA PRO B 189 -22.91 -1.19 -6.04
C PRO B 189 -22.64 0.33 -5.96
N ASN B 190 -22.48 0.82 -4.74
CA ASN B 190 -22.22 2.24 -4.49
C ASN B 190 -21.19 2.43 -3.38
N PRO B 191 -20.54 3.60 -3.35
CA PRO B 191 -19.46 3.82 -2.40
C PRO B 191 -19.94 3.95 -0.93
N TRP B 192 -21.24 4.17 -0.73
CA TRP B 192 -21.77 4.40 0.61
C TRP B 192 -21.95 3.12 1.43
N ALA B 193 -22.75 2.19 0.92
CA ALA B 193 -23.11 0.95 1.65
C ALA B 193 -21.90 0.02 1.86
N PRO B 194 -21.81 -0.62 3.06
CA PRO B 194 -20.67 -1.53 3.31
C PRO B 194 -20.70 -2.77 2.38
N PRO B 195 -19.51 -3.27 2.02
CA PRO B 195 -19.37 -4.37 1.04
C PRO B 195 -19.84 -5.73 1.58
N LYS B 196 -20.71 -6.44 0.84
CA LYS B 196 -21.21 -7.75 1.26
C LYS B 196 -20.26 -8.87 0.77
N GLY B 197 -20.25 -9.97 1.52
CA GLY B 197 -19.51 -11.16 1.11
C GLY B 197 -18.19 -11.30 1.88
N THR B 198 -17.44 -12.35 1.54
CA THR B 198 -16.24 -12.74 2.23
C THR B 198 -15.09 -12.83 1.28
N TYR B 199 -13.95 -12.34 1.71
CA TYR B 199 -12.75 -12.46 0.94
C TYR B 199 -12.46 -13.90 0.51
N ILE B 200 -12.07 -14.08 -0.74
CA ILE B 200 -11.64 -15.42 -1.21
C ILE B 200 -10.54 -16.01 -0.36
N GLU B 201 -9.51 -15.21 -0.08
CA GLU B 201 -8.39 -15.68 0.75
C GLU B 201 -8.88 -16.23 2.10
N GLU B 202 -9.81 -15.53 2.72
CA GLU B 202 -10.37 -15.91 3.98
C GLU B 202 -11.13 -17.23 3.86
N LEU B 203 -11.90 -17.38 2.79
CA LEU B 203 -12.57 -18.67 2.52
C LEU B 203 -11.61 -19.82 2.37
N PHE B 204 -10.50 -19.61 1.65
CA PHE B 204 -9.47 -20.67 1.49
C PHE B 204 -8.88 -21.02 2.88
N LEU B 205 -8.56 -19.99 3.65
CA LEU B 205 -7.99 -20.22 5.00
C LEU B 205 -8.99 -21.01 5.86
N LYS B 206 -10.24 -20.55 5.89
CA LYS B 206 -11.24 -21.13 6.79
C LYS B 206 -11.75 -22.51 6.36
N ASN B 207 -11.49 -22.91 5.11
CA ASN B 207 -11.93 -24.20 4.65
C ASN B 207 -10.86 -25.19 4.32
N THR B 208 -9.60 -24.85 4.58
CA THR B 208 -8.50 -25.78 4.40
C THR B 208 -8.01 -26.21 5.77
N ASP B 209 -7.43 -27.41 5.83
N ASP B 209 -7.37 -27.37 5.80
CA ASP B 209 -6.96 -27.96 7.09
CA ASP B 209 -6.92 -27.97 7.03
C ASP B 209 -5.52 -27.48 7.29
C ASP B 209 -5.48 -27.49 7.29
N PRO B 210 -5.22 -26.85 8.44
CA PRO B 210 -3.87 -26.36 8.72
C PRO B 210 -2.76 -27.44 8.65
N ASP B 211 -3.07 -28.68 9.00
CA ASP B 211 -2.07 -29.74 8.87
C ASP B 211 -1.84 -30.23 7.42
N LYS B 212 -2.61 -29.75 6.46
CA LYS B 212 -2.44 -30.11 5.07
C LYS B 212 -2.06 -28.96 4.14
N VAL B 213 -2.54 -27.77 4.46
CA VAL B 213 -2.38 -26.60 3.58
C VAL B 213 -1.82 -25.42 4.32
N MSE B 214 -0.79 -24.76 3.77
CA MSE B 214 -0.33 -23.50 4.30
C MSE B 214 -0.40 -22.48 3.18
O MSE B 214 -0.80 -22.82 2.06
CB MSE B 214 1.06 -23.59 4.94
CG MSE B 214 2.17 -24.06 4.05
SE MSE B 214 2.94 -22.75 2.81
CE MSE B 214 4.20 -23.91 1.83
N PHE B 215 -0.05 -21.23 3.52
CA PHE B 215 -0.19 -20.10 2.58
C PHE B 215 1.13 -19.37 2.45
N GLU B 216 1.44 -18.97 1.21
CA GLU B 216 2.62 -18.17 0.88
C GLU B 216 2.07 -16.79 0.60
N LEU B 217 2.11 -15.94 1.62
CA LEU B 217 1.48 -14.62 1.52
C LEU B 217 2.30 -13.69 0.69
N ASP B 218 1.70 -13.20 -0.37
CA ASP B 218 2.34 -12.15 -1.17
C ASP B 218 2.02 -10.79 -0.54
N VAL B 219 3.03 -10.22 0.11
CA VAL B 219 2.82 -8.99 0.85
C VAL B 219 2.52 -7.85 -0.12
N TYR B 220 3.08 -7.85 -1.33
CA TYR B 220 2.87 -6.76 -2.25
C TYR B 220 1.49 -6.83 -2.88
N TRP B 221 1.13 -7.99 -3.41
CA TRP B 221 -0.19 -8.10 -4.04
C TRP B 221 -1.32 -7.96 -3.01
N ALA B 222 -1.06 -8.28 -1.75
CA ALA B 222 -1.99 -7.91 -0.67
C ALA B 222 -2.21 -6.39 -0.61
N VAL B 223 -1.11 -5.62 -0.52
CA VAL B 223 -1.20 -4.15 -0.53
C VAL B 223 -1.90 -3.63 -1.79
N MSE B 224 -1.58 -4.22 -2.94
CA MSE B 224 -2.25 -3.87 -4.20
C MSE B 224 -3.76 -4.24 -4.21
O MSE B 224 -4.50 -3.71 -5.01
CB MSE B 224 -1.52 -4.50 -5.40
CG MSE B 224 -0.15 -3.93 -5.57
SE MSE B 224 -0.15 -2.15 -6.34
CE MSE B 224 -0.54 -2.59 -8.25
N GLY B 225 -4.18 -5.11 -3.28
CA GLY B 225 -5.57 -5.45 -3.08
C GLY B 225 -6.17 -4.72 -1.88
N GLN B 226 -5.47 -3.64 -1.46
CA GLN B 226 -5.89 -2.73 -0.37
CA GLN B 226 -5.92 -2.75 -0.37
C GLN B 226 -5.94 -3.40 1.01
N GLN B 227 -5.09 -4.39 1.20
CA GLN B 227 -4.96 -5.16 2.46
C GLN B 227 -3.66 -4.84 3.15
N ASP B 228 -3.70 -4.91 4.47
CA ASP B 228 -2.49 -4.80 5.29
C ASP B 228 -1.97 -6.21 5.51
N PRO B 229 -0.83 -6.58 4.89
CA PRO B 229 -0.33 -7.95 5.09
C PRO B 229 0.00 -8.28 6.53
N VAL B 230 0.39 -7.30 7.33
CA VAL B 230 0.63 -7.58 8.75
C VAL B 230 -0.66 -8.03 9.47
N GLU B 231 -1.79 -7.44 9.12
CA GLU B 231 -3.07 -7.79 9.68
C GLU B 231 -3.45 -9.24 9.34
N TRP B 232 -3.23 -9.65 8.10
CA TRP B 232 -3.49 -11.04 7.68
C TRP B 232 -2.55 -12.01 8.44
N MSE B 233 -1.30 -11.61 8.60
CA MSE B 233 -0.35 -12.44 9.33
CA MSE B 233 -0.34 -12.44 9.33
C MSE B 233 -0.73 -12.62 10.80
O MSE B 233 -0.67 -13.73 11.35
CB MSE B 233 1.06 -11.83 9.17
CB MSE B 233 1.08 -11.85 9.23
CG MSE B 233 1.58 -11.85 7.73
CG MSE B 233 1.90 -12.45 8.13
SE MSE B 233 3.11 -10.68 7.44
SE MSE B 233 3.75 -11.85 8.24
CE MSE B 233 4.50 -11.67 8.48
CE MSE B 233 3.45 -10.05 7.57
N GLU B 234 -1.19 -11.54 11.41
CA GLU B 234 -1.56 -11.53 12.82
C GLU B 234 -2.81 -12.35 13.06
N ASN B 235 -3.72 -12.37 12.09
CA ASN B 235 -4.98 -13.06 12.22
C ASN B 235 -4.88 -14.56 11.94
N TYR B 236 -3.94 -14.95 11.08
CA TYR B 236 -3.75 -16.38 10.71
C TYR B 236 -2.27 -16.74 10.88
N PRO B 237 -1.80 -16.65 12.13
CA PRO B 237 -0.32 -16.71 12.28
C PRO B 237 0.25 -18.11 12.03
N ASN B 238 -0.58 -19.14 12.13
CA ASN B 238 -0.06 -20.48 11.93
C ASN B 238 -0.29 -20.93 10.52
N ARG B 239 -0.94 -20.11 9.69
CA ARG B 239 -1.24 -20.53 8.32
C ARG B 239 -0.31 -19.96 7.28
N PHE B 240 0.13 -18.74 7.51
CA PHE B 240 1.09 -18.08 6.64
C PHE B 240 2.48 -18.50 7.01
N LYS B 241 2.97 -19.57 6.39
N LYS B 241 2.96 -19.58 6.39
CA LYS B 241 4.27 -20.14 6.72
CA LYS B 241 4.26 -20.15 6.71
C LYS B 241 5.40 -19.70 5.79
C LYS B 241 5.40 -19.67 5.81
N LEU B 242 5.05 -19.15 4.63
CA LEU B 242 5.99 -18.51 3.72
C LEU B 242 5.52 -17.11 3.35
N LEU B 243 6.48 -16.25 3.03
CA LEU B 243 6.18 -14.99 2.38
C LEU B 243 6.79 -14.92 0.97
N HIS B 244 6.11 -14.21 0.08
CA HIS B 244 6.77 -13.57 -1.04
C HIS B 244 7.05 -12.13 -0.64
N ILE B 245 8.32 -11.73 -0.74
CA ILE B 245 8.79 -10.38 -0.52
C ILE B 245 8.93 -9.74 -1.90
N LYS B 246 8.04 -8.79 -2.14
CA LYS B 246 7.92 -8.13 -3.41
C LYS B 246 7.60 -6.65 -3.10
N ASP B 247 8.00 -5.78 -4.04
CA ASP B 247 7.76 -4.35 -3.96
C ASP B 247 7.49 -3.94 -5.41
N ARG B 248 7.47 -2.65 -5.70
CA ARG B 248 7.19 -2.25 -7.07
CA ARG B 248 7.24 -2.20 -7.07
C ARG B 248 8.32 -2.82 -7.95
N TRP B 249 9.57 -2.67 -7.52
CA TRP B 249 10.72 -3.33 -8.18
C TRP B 249 11.77 -3.72 -7.14
N ILE B 250 12.82 -2.94 -6.93
CA ILE B 250 13.78 -3.30 -5.91
C ILE B 250 13.10 -3.27 -4.54
N ILE B 251 13.34 -4.32 -3.76
CA ILE B 251 12.78 -4.41 -2.44
C ILE B 251 13.24 -3.22 -1.58
N GLY B 252 12.27 -2.53 -1.03
CA GLY B 252 12.54 -1.38 -0.16
C GLY B 252 12.72 -0.05 -0.82
N ASP B 253 12.57 0.01 -2.15
N ASP B 253 12.60 -0.02 -2.16
CA ASP B 253 12.91 1.20 -2.92
CA ASP B 253 12.88 1.16 -2.95
C ASP B 253 11.71 2.16 -3.09
C ASP B 253 11.65 1.86 -3.49
N SER B 254 10.49 1.69 -2.87
CA SER B 254 9.31 2.48 -3.19
C SER B 254 8.74 3.15 -1.93
N GLY B 255 7.66 3.93 -2.09
CA GLY B 255 6.97 4.48 -0.94
C GLY B 255 5.93 3.54 -0.37
N MSE B 256 5.77 2.40 -1.07
N MSE B 256 5.87 2.29 -0.83
CA MSE B 256 4.96 1.31 -0.65
CA MSE B 256 4.68 1.49 -0.61
C MSE B 256 5.91 0.31 0.03
C MSE B 256 4.53 0.44 0.52
O MSE B 256 7.07 0.18 -0.32
O MSE B 256 3.42 0.25 0.92
CB MSE B 256 4.27 0.66 -1.87
CB MSE B 256 4.35 0.74 -1.89
CG MSE B 256 4.06 1.64 -3.06
CG MSE B 256 3.02 0.18 -1.79
SE MSE B 256 3.58 0.72 -4.76
SE MSE B 256 2.53 -0.53 -3.50
CE MSE B 256 1.67 0.41 -4.39
CE MSE B 256 1.39 0.87 -4.20
N MSE B 257 5.56 -0.07 1.19
CA MSE B 257 5.64 -1.35 1.83
C MSE B 257 6.39 -0.98 3.12
O MSE B 257 7.35 -0.21 3.06
CB MSE B 257 6.47 -2.44 1.10
CG MSE B 257 6.07 -2.79 -0.30
SE MSE B 257 4.20 -3.31 -0.31
CE MSE B 257 4.28 -4.73 0.91
N ASN B 258 6.02 -1.55 4.24
CA ASN B 258 6.74 -1.40 5.49
C ASN B 258 7.43 -2.71 5.81
N PHE B 259 8.62 -2.89 5.25
CA PHE B 259 9.34 -4.15 5.45
C PHE B 259 9.82 -4.33 6.89
N PRO B 260 10.20 -3.25 7.59
CA PRO B 260 10.50 -3.45 9.01
C PRO B 260 9.36 -4.14 9.77
N ASN B 261 8.13 -3.71 9.56
CA ASN B 261 6.99 -4.35 10.21
C ASN B 261 6.61 -5.70 9.68
N ILE B 262 6.75 -5.89 8.37
CA ILE B 262 6.49 -7.20 7.81
C ILE B 262 7.44 -8.25 8.40
N PHE B 263 8.71 -7.91 8.48
CA PHE B 263 9.66 -8.89 9.01
C PHE B 263 9.51 -9.08 10.49
N LYS B 264 9.21 -8.01 11.22
CA LYS B 264 8.98 -8.14 12.65
C LYS B 264 7.86 -9.11 12.92
N LYS B 265 6.77 -8.96 12.17
CA LYS B 265 5.64 -9.87 12.34
C LYS B 265 5.94 -11.30 11.89
N ALA B 266 6.68 -11.42 10.80
CA ALA B 266 7.12 -12.72 10.28
C ALA B 266 7.82 -13.50 11.34
N TYR B 267 8.76 -12.89 12.05
CA TYR B 267 9.48 -13.61 13.08
C TYR B 267 8.58 -13.93 14.26
N GLU B 268 7.69 -13.01 14.63
CA GLU B 268 6.77 -13.26 15.73
C GLU B 268 5.88 -14.47 15.43
N ILE B 269 5.36 -14.56 14.22
CA ILE B 269 4.49 -15.67 13.86
C ILE B 269 5.26 -16.95 13.50
N GLY B 270 6.55 -16.85 13.27
CA GLY B 270 7.36 -18.07 13.00
C GLY B 270 7.34 -18.53 11.56
N ILE B 271 7.41 -17.61 10.62
CA ILE B 271 7.46 -17.99 9.20
C ILE B 271 8.66 -18.88 8.97
N LEU B 272 8.53 -19.83 8.08
CA LEU B 272 9.61 -20.76 7.79
C LEU B 272 10.64 -20.14 6.85
N GLY B 273 10.21 -19.19 6.04
CA GLY B 273 11.10 -18.59 5.02
C GLY B 273 10.40 -17.67 4.06
N TYR B 274 11.17 -17.00 3.22
CA TYR B 274 10.54 -16.12 2.22
C TYR B 274 11.29 -16.18 0.95
N TYR B 275 10.63 -15.82 -0.13
CA TYR B 275 11.23 -15.69 -1.43
C TYR B 275 10.98 -14.32 -2.02
N VAL B 276 12.07 -13.68 -2.40
CA VAL B 276 12.00 -12.43 -3.17
C VAL B 276 11.42 -12.67 -4.59
N GLU B 277 10.56 -11.79 -5.06
CA GLU B 277 10.19 -11.74 -6.47
C GLU B 277 10.16 -10.32 -6.99
N LEU B 278 10.62 -10.15 -8.24
CA LEU B 278 10.50 -8.89 -8.96
C LEU B 278 9.79 -9.15 -10.26
N GLU B 279 8.88 -8.26 -10.62
CA GLU B 279 8.36 -8.21 -12.00
C GLU B 279 9.31 -7.41 -12.85
N GLY B 280 8.98 -7.23 -14.12
CA GLY B 280 9.80 -6.44 -15.04
C GLY B 280 9.85 -4.97 -14.63
N ASP B 281 10.97 -4.33 -14.94
CA ASP B 281 11.18 -2.93 -14.61
C ASP B 281 10.60 -2.04 -15.70
N LYS B 282 9.82 -1.04 -15.33
CA LYS B 282 9.23 -0.14 -16.34
C LYS B 282 10.33 0.71 -16.99
N LYS B 283 11.43 0.90 -16.25
CA LYS B 283 12.57 1.70 -16.71
C LYS B 283 13.66 0.93 -17.47
N GLY B 284 13.41 -0.33 -17.79
CA GLY B 284 14.30 -1.12 -18.64
C GLY B 284 15.66 -1.53 -18.09
N ARG B 285 15.82 -1.55 -16.78
CA ARG B 285 17.01 -2.13 -16.15
C ARG B 285 16.92 -3.65 -16.17
N THR B 286 18.04 -4.33 -15.96
CA THR B 286 18.06 -5.80 -15.91
C THR B 286 17.45 -6.32 -14.61
N GLN B 287 16.81 -7.49 -14.71
CA GLN B 287 16.34 -8.18 -13.54
C GLN B 287 17.48 -8.54 -12.60
N PHE B 288 18.65 -8.92 -13.13
CA PHE B 288 19.79 -9.13 -12.26
C PHE B 288 20.10 -7.93 -11.37
N GLU B 289 20.08 -6.71 -11.91
CA GLU B 289 20.36 -5.55 -11.06
C GLU B 289 19.32 -5.44 -9.93
N GLY B 290 18.06 -5.65 -10.28
CA GLY B 290 16.98 -5.50 -9.32
C GLY B 290 17.12 -6.56 -8.23
N VAL B 291 17.51 -7.76 -8.63
CA VAL B 291 17.60 -8.92 -7.72
C VAL B 291 18.83 -8.72 -6.77
N GLU B 292 19.91 -8.19 -7.29
CA GLU B 292 21.13 -7.94 -6.50
C GLU B 292 20.93 -6.80 -5.51
N LYS B 293 20.30 -5.72 -5.98
CA LYS B 293 20.02 -4.60 -5.10
C LYS B 293 19.00 -4.94 -3.99
N SER B 294 18.04 -5.78 -4.33
CA SER B 294 17.10 -6.29 -3.36
C SER B 294 17.83 -7.08 -2.29
N ALA B 295 18.71 -7.98 -2.68
CA ALA B 295 19.56 -8.74 -1.71
C ALA B 295 20.39 -7.82 -0.82
N ALA B 296 20.97 -6.76 -1.42
CA ALA B 296 21.79 -5.84 -0.67
C ALA B 296 20.97 -5.13 0.41
N TYR B 297 19.73 -4.77 0.09
CA TYR B 297 18.85 -4.12 1.07
C TYR B 297 18.54 -5.06 2.22
N LEU B 298 18.19 -6.29 1.90
CA LEU B 298 17.86 -7.27 2.94
C LEU B 298 19.08 -7.68 3.80
N GLN B 299 20.25 -7.80 3.16
CA GLN B 299 21.48 -8.12 3.87
C GLN B 299 21.89 -7.02 4.83
N ALA B 300 21.65 -5.78 4.45
CA ALA B 300 21.95 -4.62 5.31
C ALA B 300 20.92 -4.34 6.39
N ALA B 301 19.68 -4.79 6.19
CA ALA B 301 18.56 -4.40 7.04
C ALA B 301 18.68 -5.06 8.38
N PRO B 302 18.69 -4.26 9.46
CA PRO B 302 18.81 -4.86 10.79
C PRO B 302 17.59 -5.63 11.23
N PHE B 303 16.47 -5.43 10.55
CA PHE B 303 15.22 -6.11 10.88
C PHE B 303 15.06 -7.43 10.14
N VAL B 304 16.03 -7.77 9.28
CA VAL B 304 16.06 -9.07 8.62
C VAL B 304 17.17 -9.87 9.25
N LYS B 305 16.81 -11.06 9.73
CA LYS B 305 17.79 -12.00 10.30
C LYS B 305 17.85 -13.23 9.40
P PO4 C . -10.19 14.01 4.62
O1 PO4 C . -10.83 13.66 5.97
O2 PO4 C . -9.75 12.72 4.00
O3 PO4 C . -8.94 14.85 5.04
O4 PO4 C . -11.06 14.87 3.77
C1 EOH D . 3.71 21.16 9.75
C2 EOH D . 2.59 21.77 8.93
O EOH D . 4.49 20.14 9.15
C1 EOH E . 3.58 25.71 6.87
C2 EOH E . 2.66 24.75 6.13
O EOH E . 2.85 26.80 7.42
C1 EOH F . -13.32 10.74 13.00
C2 EOH F . -12.25 10.42 11.98
O EOH F . -13.87 9.54 13.55
C1 EOH G . -14.14 22.71 13.01
C2 EOH G . -14.39 22.04 14.32
O EOH G . -12.92 23.40 12.93
C1 EOH H . -11.74 17.30 6.37
C1 EOH H . -12.14 17.06 5.92
C2 EOH H . -13.25 17.15 6.48
C2 EOH H . -11.07 17.23 6.99
O EOH H . -11.28 17.34 5.01
O EOH H . -11.56 17.01 4.62
P PO4 I . 4.22 -15.41 -9.58
O1 PO4 I . 5.07 -15.89 -8.41
O2 PO4 I . 3.27 -16.52 -9.95
O3 PO4 I . 3.53 -14.16 -9.10
O4 PO4 I . 5.20 -15.02 -10.69
C1 EOH J . 14.56 -18.59 2.91
C2 EOH J . 13.68 -19.59 2.20
O EOH J . 13.90 -17.66 3.81
C1 EOH K . 5.44 -18.33 -11.54
C1 EOH K . 5.73 -19.14 -11.15
C2 EOH K . 6.78 -18.42 -10.86
C2 EOH K . 5.14 -19.14 -12.56
O EOH K . 4.44 -18.69 -10.60
O EOH K . 4.75 -18.78 -10.19
C1 EOH L . 12.47 -23.32 4.21
C2 EOH L . 11.30 -22.88 3.36
O EOH L . 12.94 -24.58 3.79
C1 EOH M . 13.12 -23.53 -14.99
C2 EOH M . 14.05 -24.35 -15.88
O EOH M . 12.99 -24.03 -13.67
C1 EOH N . -6.78 -7.20 13.66
C2 EOH N . -5.46 -7.96 13.62
O EOH N . -7.79 -7.65 12.78
#